data_2P7C
#
_entry.id   2P7C
#
loop_
_entity.id
_entity.type
_entity.pdbx_description
1 polymer 'Strand 1 of Twelve base-pair DNA'
2 polymer 'Strand 2 of Twelve base-pair DNA'
3 polymer 'Penicillinase repressor'
#
loop_
_entity_poly.entity_id
_entity_poly.type
_entity_poly.pdbx_seq_one_letter_code
_entity_poly.pdbx_strand_id
1 'polydeoxyribonucleotide' (DA)(DA)(DA)(DG)(DT)(DA)(DT)(DT)(DA)(DC)(DA)(DT) A
2 'polydeoxyribonucleotide' (DA)(DT)(DG)(DT)(DA)(DA)(DT)(DA)(DC)(DT)(DT)(DT) C
3 'polypeptide(L)'
;MKKIPQISDAELEVMKVIWKHSSINTNEVIKELSKTSTWSPKTIQTMLLRLIKKGALNHHKEGRVFVYTPNIDESDYIEV
KS
;
B
#
loop_
_chem_comp.id
_chem_comp.type
_chem_comp.name
_chem_comp.formula
DA DNA linking 2'-DEOXYADENOSINE-5'-MONOPHOSPHATE 'C10 H14 N5 O6 P'
DC DNA linking 2'-DEOXYCYTIDINE-5'-MONOPHOSPHATE 'C9 H14 N3 O7 P'
DG DNA linking 2'-DEOXYGUANOSINE-5'-MONOPHOSPHATE 'C10 H14 N5 O7 P'
DT DNA linking THYMIDINE-5'-MONOPHOSPHATE 'C10 H15 N2 O8 P'
#
# COMPACT_ATOMS: atom_id res chain seq x y z
N MET C 1 -15.10 14.02 4.45
CA MET C 1 -13.99 13.05 4.37
C MET C 1 -14.15 12.17 3.13
N LYS C 2 -13.21 12.30 2.18
CA LYS C 2 -13.17 11.57 0.92
C LYS C 2 -11.87 10.80 0.79
N LYS C 3 -11.75 10.01 -0.28
CA LYS C 3 -10.58 9.20 -0.59
C LYS C 3 -9.54 10.04 -1.32
N ILE C 4 -8.29 10.00 -0.83
CA ILE C 4 -7.18 10.75 -1.41
C ILE C 4 -6.65 10.00 -2.64
N PRO C 5 -6.13 8.76 -2.52
CA PRO C 5 -5.63 8.00 -3.66
C PRO C 5 -6.78 7.35 -4.43
N GLN C 6 -6.62 7.23 -5.75
CA GLN C 6 -7.61 6.63 -6.62
C GLN C 6 -7.38 5.12 -6.60
N ILE C 7 -8.31 4.39 -5.97
CA ILE C 7 -8.25 2.95 -5.78
C ILE C 7 -8.72 2.20 -7.03
N SER C 8 -8.17 0.99 -7.19
CA SER C 8 -8.42 0.05 -8.26
C SER C 8 -8.24 -1.36 -7.67
N ASP C 9 -8.32 -2.39 -8.52
CA ASP C 9 -8.17 -3.78 -8.10
C ASP C 9 -6.79 -3.99 -7.48
N ALA C 10 -5.72 -3.75 -8.25
CA ALA C 10 -4.35 -3.91 -7.80
C ALA C 10 -4.00 -2.95 -6.65
N GLU C 11 -4.62 -1.76 -6.63
CA GLU C 11 -4.37 -0.77 -5.60
C GLU C 11 -4.78 -1.29 -4.22
N LEU C 12 -6.01 -1.78 -4.11
CA LEU C 12 -6.58 -2.29 -2.88
C LEU C 12 -5.85 -3.54 -2.37
N GLU C 13 -5.57 -4.50 -3.26
CA GLU C 13 -4.91 -5.75 -2.94
C GLU C 13 -3.65 -5.58 -2.10
N VAL C 14 -2.75 -4.65 -2.47
CA VAL C 14 -1.51 -4.45 -1.72
C VAL C 14 -1.80 -3.82 -0.35
N MET C 15 -2.72 -2.86 -0.30
CA MET C 15 -3.12 -2.17 0.93
C MET C 15 -3.47 -3.17 2.02
N LYS C 16 -4.25 -4.18 1.64
CA LYS C 16 -4.70 -5.29 2.47
C LYS C 16 -3.52 -5.95 3.19
N VAL C 17 -2.45 -6.27 2.46
CA VAL C 17 -1.24 -6.88 3.01
C VAL C 17 -0.55 -5.92 3.97
N ILE C 18 -0.52 -4.61 3.65
CA ILE C 18 0.10 -3.61 4.51
C ILE C 18 -0.70 -3.49 5.80
N TRP C 19 -2.03 -3.46 5.70
CA TRP C 19 -2.95 -3.37 6.81
C TRP C 19 -2.96 -4.64 7.65
N LYS C 20 -2.64 -5.80 7.05
CA LYS C 20 -2.56 -7.06 7.78
C LYS C 20 -1.43 -6.96 8.80
N HIS C 21 -0.27 -6.45 8.36
CA HIS C 21 0.91 -6.19 9.17
C HIS C 21 0.69 -4.86 9.92
N SER C 22 1.52 -4.51 10.93
CA SER C 22 1.31 -3.23 11.63
C SER C 22 1.54 -2.14 10.59
N SER C 23 2.75 -2.13 10.01
CA SER C 23 3.05 -1.41 8.78
C SER C 23 3.75 -2.49 7.94
N ILE C 24 4.62 -2.18 6.97
CA ILE C 24 5.36 -3.23 6.26
C ILE C 24 6.74 -2.78 5.75
N ASN C 25 7.73 -3.65 5.59
CA ASN C 25 9.05 -3.36 5.06
C ASN C 25 9.06 -4.09 3.70
N THR C 26 9.75 -3.60 2.66
CA THR C 26 9.78 -4.21 1.33
C THR C 26 9.92 -5.74 1.31
N ASN C 27 10.68 -6.37 2.22
CA ASN C 27 10.76 -7.84 2.16
C ASN C 27 9.40 -8.47 2.46
N GLU C 28 8.71 -8.00 3.50
CA GLU C 28 7.42 -8.53 3.86
C GLU C 28 6.41 -8.19 2.77
N VAL C 29 6.49 -6.98 2.19
CA VAL C 29 5.58 -6.58 1.13
C VAL C 29 5.78 -7.50 -0.07
N ILE C 30 6.98 -7.55 -0.65
CA ILE C 30 7.29 -8.37 -1.81
C ILE C 30 7.03 -9.83 -1.51
N LYS C 31 7.57 -10.34 -0.39
CA LYS C 31 7.36 -11.73 0.03
C LYS C 31 5.88 -12.13 0.00
N GLU C 32 4.96 -11.22 0.40
CA GLU C 32 3.53 -11.49 0.40
C GLU C 32 2.88 -11.30 -0.97
N LEU C 33 3.03 -10.12 -1.57
CA LEU C 33 2.47 -9.73 -2.84
C LEU C 33 2.85 -10.71 -3.96
N SER C 34 4.09 -11.21 -3.97
CA SER C 34 4.58 -12.15 -4.97
C SER C 34 3.91 -13.52 -4.87
N LYS C 35 3.67 -14.00 -3.65
CA LYS C 35 3.03 -15.30 -3.41
C LYS C 35 1.56 -15.25 -3.78
N THR C 36 0.87 -14.18 -3.36
CA THR C 36 -0.55 -13.99 -3.58
C THR C 36 -0.84 -13.66 -5.05
N SER C 37 -0.37 -12.50 -5.53
CA SER C 37 -0.56 -12.02 -6.89
C SER C 37 0.63 -12.35 -7.79
N THR C 38 0.40 -12.29 -9.11
CA THR C 38 1.41 -12.56 -10.14
C THR C 38 2.64 -11.70 -9.92
N TRP C 39 2.50 -10.38 -10.12
CA TRP C 39 3.45 -9.29 -9.95
C TRP C 39 4.82 -9.68 -9.39
N SER C 40 5.88 -9.49 -10.21
CA SER C 40 7.27 -9.75 -9.83
C SER C 40 7.79 -8.59 -8.96
N PRO C 41 9.00 -8.67 -8.39
CA PRO C 41 9.58 -7.61 -7.56
C PRO C 41 9.55 -6.24 -8.24
N LYS C 42 9.68 -6.20 -9.57
CA LYS C 42 9.63 -4.98 -10.35
C LYS C 42 8.20 -4.45 -10.37
N THR C 43 7.27 -5.28 -10.83
CA THR C 43 5.84 -5.04 -10.95
C THR C 43 5.21 -4.51 -9.66
N ILE C 44 5.64 -5.08 -8.53
CA ILE C 44 5.16 -4.75 -7.19
C ILE C 44 5.34 -3.29 -6.84
N GLN C 45 6.55 -2.79 -7.07
CA GLN C 45 6.98 -1.47 -6.70
C GLN C 45 6.18 -0.26 -7.21
N THR C 46 5.54 -0.32 -8.37
CA THR C 46 4.74 0.83 -8.83
C THR C 46 3.60 1.11 -7.86
N MET C 47 2.90 0.06 -7.42
CA MET C 47 1.78 0.20 -6.50
C MET C 47 2.21 0.88 -5.21
N LEU C 48 3.49 0.78 -4.84
CA LEU C 48 4.06 1.43 -3.67
C LEU C 48 4.54 2.85 -3.99
N LEU C 49 5.49 2.97 -4.93
CA LEU C 49 6.14 4.20 -5.35
C LEU C 49 5.18 5.29 -5.80
N ARG C 50 4.31 5.00 -6.76
CA ARG C 50 3.39 6.00 -7.31
C ARG C 50 2.38 6.46 -6.28
N LEU C 51 1.80 5.53 -5.51
CA LEU C 51 0.94 5.80 -4.40
C LEU C 51 1.65 6.81 -3.50
N ILE C 52 2.89 6.52 -3.08
CA ILE C 52 3.66 7.43 -2.24
C ILE C 52 3.87 8.78 -2.91
N LYS C 53 4.19 8.79 -4.21
CA LYS C 53 4.40 10.00 -4.98
C LYS C 53 3.13 10.86 -5.00
N LYS C 54 1.96 10.22 -5.08
CA LYS C 54 0.66 10.87 -5.13
C LYS C 54 -0.01 11.03 -3.75
N GLY C 55 0.53 10.41 -2.69
CA GLY C 55 0.05 10.54 -1.33
C GLY C 55 -0.72 9.35 -0.73
N ALA C 56 -0.94 8.23 -1.45
CA ALA C 56 -1.64 7.09 -0.86
C ALA C 56 -0.95 6.55 0.39
N LEU C 57 0.35 6.27 0.28
CA LEU C 57 1.23 5.67 1.29
C LEU C 57 2.41 6.62 1.57
N ASN C 58 3.17 6.37 2.64
CA ASN C 58 4.35 7.16 3.00
C ASN C 58 5.48 6.27 3.51
N HIS C 59 6.70 6.38 2.97
CA HIS C 59 7.83 5.59 3.44
C HIS C 59 8.65 6.33 4.50
N HIS C 60 9.26 5.55 5.41
CA HIS C 60 10.07 6.07 6.50
C HIS C 60 11.23 5.12 6.80
N LYS C 61 12.47 5.65 6.80
CA LYS C 61 13.67 4.87 7.07
C LYS C 61 13.83 4.78 8.58
N GLU C 62 13.29 3.69 9.14
CA GLU C 62 13.26 3.35 10.55
C GLU C 62 14.53 2.59 10.93
N GLY C 63 15.10 2.94 12.10
CA GLY C 63 16.30 2.39 12.73
C GLY C 63 16.96 1.20 12.02
N ARG C 64 16.29 0.04 12.01
CA ARG C 64 16.81 -1.16 11.38
C ARG C 64 16.74 -1.02 9.85
N VAL C 65 15.57 -1.23 9.24
CA VAL C 65 15.31 -1.11 7.82
C VAL C 65 14.01 -0.29 7.71
N PHE C 66 13.59 0.11 6.50
CA PHE C 66 12.45 1.00 6.32
C PHE C 66 11.10 0.34 6.41
N VAL C 67 10.15 1.20 6.81
CA VAL C 67 8.77 0.86 6.95
C VAL C 67 7.92 1.78 6.07
N TYR C 68 7.00 1.14 5.35
CA TYR C 68 6.00 1.80 4.53
C TYR C 68 4.78 1.87 5.46
N THR C 69 4.32 3.11 5.71
CA THR C 69 3.23 3.42 6.61
C THR C 69 2.02 3.97 5.83
N PRO C 70 0.81 3.42 6.04
CA PRO C 70 -0.41 3.89 5.40
C PRO C 70 -0.66 5.38 5.70
N ASN C 71 -0.59 6.24 4.68
CA ASN C 71 -0.83 7.67 4.80
C ASN C 71 -2.33 7.99 4.90
N ILE C 72 -3.17 6.98 4.68
CA ILE C 72 -4.63 7.00 4.76
C ILE C 72 -5.03 6.14 5.96
N ASP C 73 -6.17 6.48 6.58
CA ASP C 73 -6.69 5.79 7.76
C ASP C 73 -8.22 5.88 7.79
N GLU C 74 -8.75 7.11 7.68
CA GLU C 74 -10.17 7.38 7.69
C GLU C 74 -10.85 6.76 6.48
N SER C 75 -10.30 7.01 5.29
CA SER C 75 -10.79 6.51 4.02
C SER C 75 -10.59 5.00 3.92
N ASP C 76 -9.35 4.56 3.67
CA ASP C 76 -8.96 3.15 3.49
C ASP C 76 -9.92 2.49 2.49
N TYR C 77 -10.01 3.10 1.30
CA TYR C 77 -10.84 2.73 0.17
C TYR C 77 -12.33 2.89 0.50
N ILE C 78 -12.94 3.93 -0.08
CA ILE C 78 -14.34 4.24 0.07
C ILE C 78 -15.05 3.65 -1.15
N GLU C 79 -15.58 2.43 -0.99
CA GLU C 79 -16.28 1.72 -2.05
C GLU C 79 -17.71 2.26 -2.12
N VAL C 80 -17.96 3.16 -3.08
CA VAL C 80 -19.26 3.79 -3.29
C VAL C 80 -20.24 2.80 -3.93
N LYS C 81 -21.53 2.94 -3.60
CA LYS C 81 -22.60 2.10 -4.11
C LYS C 81 -22.95 2.48 -5.55
N SER C 82 -23.69 1.60 -6.23
CA SER C 82 -24.12 1.80 -7.61
C SER C 82 -25.21 2.86 -7.67
N MET C 1 -13.14 18.82 -2.52
CA MET C 1 -13.37 17.59 -3.28
C MET C 1 -13.05 16.36 -2.45
N LYS C 2 -11.83 16.27 -1.92
CA LYS C 2 -11.33 15.18 -1.11
C LYS C 2 -11.45 13.85 -1.86
N LYS C 3 -10.82 13.78 -3.04
CA LYS C 3 -10.83 12.61 -3.89
C LYS C 3 -9.92 11.53 -3.29
N ILE C 4 -10.54 10.50 -2.70
CA ILE C 4 -9.84 9.39 -2.06
C ILE C 4 -9.24 8.47 -3.13
N PRO C 5 -8.28 7.57 -2.77
CA PRO C 5 -7.66 6.66 -3.72
C PRO C 5 -8.69 5.73 -4.37
N GLN C 6 -8.53 5.44 -5.66
CA GLN C 6 -9.45 4.59 -6.40
C GLN C 6 -9.16 3.13 -6.07
N ILE C 7 -9.61 2.70 -4.88
CA ILE C 7 -9.42 1.34 -4.39
C ILE C 7 -10.46 0.40 -5.00
N SER C 8 -9.98 -0.77 -5.42
CA SER C 8 -10.74 -1.86 -5.99
C SER C 8 -10.27 -3.12 -5.25
N ASP C 9 -10.01 -4.21 -5.96
CA ASP C 9 -9.48 -5.42 -5.38
C ASP C 9 -7.97 -5.27 -5.23
N ALA C 10 -7.29 -4.99 -6.36
CA ALA C 10 -5.85 -4.85 -6.48
C ALA C 10 -5.22 -3.92 -5.42
N GLU C 11 -5.83 -2.77 -5.16
CA GLU C 11 -5.29 -1.83 -4.17
C GLU C 11 -5.52 -2.40 -2.77
N LEU C 12 -6.75 -2.86 -2.51
CA LEU C 12 -7.14 -3.42 -1.23
C LEU C 12 -6.28 -4.62 -0.86
N GLU C 13 -5.87 -5.45 -1.82
CA GLU C 13 -4.99 -6.59 -1.55
C GLU C 13 -3.72 -6.11 -0.85
N VAL C 14 -3.13 -5.04 -1.40
CA VAL C 14 -1.93 -4.42 -0.88
C VAL C 14 -2.21 -3.75 0.46
N MET C 15 -3.13 -2.77 0.47
CA MET C 15 -3.49 -1.99 1.63
C MET C 15 -3.83 -2.84 2.84
N LYS C 16 -4.54 -3.96 2.59
CA LYS C 16 -4.93 -4.94 3.59
C LYS C 16 -3.69 -5.43 4.33
N VAL C 17 -2.67 -5.90 3.61
CA VAL C 17 -1.42 -6.39 4.18
C VAL C 17 -0.70 -5.26 4.92
N ILE C 18 -0.59 -4.09 4.29
CA ILE C 18 0.08 -2.92 4.85
C ILE C 18 -0.57 -2.52 6.18
N TRP C 19 -1.90 -2.54 6.27
CA TRP C 19 -2.63 -2.16 7.47
C TRP C 19 -2.42 -3.13 8.63
N LYS C 20 -1.97 -4.39 8.38
CA LYS C 20 -1.68 -5.32 9.47
C LYS C 20 -0.44 -4.81 10.20
N HIS C 21 0.59 -4.47 9.43
CA HIS C 21 1.86 -3.93 9.89
C HIS C 21 1.66 -2.47 10.36
N SER C 22 2.47 -1.97 11.31
CA SER C 22 2.36 -0.58 11.80
C SER C 22 2.48 0.34 10.60
N SER C 23 3.62 0.24 9.90
CA SER C 23 3.84 0.82 8.58
C SER C 23 4.34 -0.40 7.79
N ILE C 24 5.12 -0.29 6.72
CA ILE C 24 5.71 -1.49 6.10
C ILE C 24 7.04 -1.22 5.41
N ASN C 25 8.02 -2.13 5.51
CA ASN C 25 9.29 -2.07 4.86
C ASN C 25 9.07 -3.05 3.71
N THR C 26 9.37 -2.60 2.48
CA THR C 26 9.14 -3.27 1.21
C THR C 26 9.48 -4.75 1.20
N ASN C 27 10.43 -5.22 2.01
CA ASN C 27 10.70 -6.66 2.02
C ASN C 27 9.49 -7.46 2.45
N GLU C 28 8.74 -6.96 3.44
CA GLU C 28 7.53 -7.58 3.93
C GLU C 28 6.39 -7.44 2.92
N VAL C 29 6.28 -6.28 2.24
CA VAL C 29 5.22 -6.06 1.25
C VAL C 29 5.42 -7.04 0.09
N ILE C 30 6.60 -7.02 -0.54
CA ILE C 30 6.95 -7.92 -1.62
C ILE C 30 6.90 -9.36 -1.15
N LYS C 31 7.58 -9.68 -0.04
CA LYS C 31 7.58 -11.03 0.52
C LYS C 31 6.17 -11.60 0.70
N GLU C 32 5.17 -10.78 1.08
CA GLU C 32 3.80 -11.24 1.28
C GLU C 32 2.99 -11.26 -0.02
N LEU C 33 2.88 -10.11 -0.70
CA LEU C 33 2.10 -9.96 -1.92
C LEU C 33 2.57 -10.88 -3.05
N SER C 34 3.87 -11.14 -3.19
CA SER C 34 4.39 -12.00 -4.26
C SER C 34 3.92 -13.46 -4.12
N LYS C 35 3.73 -13.92 -2.88
CA LYS C 35 3.30 -15.28 -2.58
C LYS C 35 1.79 -15.42 -2.79
N THR C 36 1.02 -14.45 -2.32
CA THR C 36 -0.44 -14.46 -2.41
C THR C 36 -0.90 -14.14 -3.84
N SER C 37 -0.51 -12.97 -4.37
CA SER C 37 -0.86 -12.51 -5.71
C SER C 37 0.22 -12.91 -6.71
N THR C 38 -0.12 -12.89 -8.00
CA THR C 38 0.79 -13.25 -9.09
C THR C 38 2.02 -12.33 -9.08
N TRP C 39 1.76 -11.02 -9.15
CA TRP C 39 2.68 -9.89 -9.14
C TRP C 39 4.10 -10.19 -8.66
N SER C 40 5.09 -9.96 -9.54
CA SER C 40 6.52 -10.12 -9.28
C SER C 40 7.01 -8.94 -8.42
N PRO C 41 8.28 -8.92 -7.98
CA PRO C 41 8.81 -7.82 -7.17
C PRO C 41 8.59 -6.45 -7.81
N LYS C 42 8.87 -6.34 -9.12
CA LYS C 42 8.68 -5.11 -9.87
C LYS C 42 7.21 -4.70 -9.88
N THR C 43 6.33 -5.63 -10.28
CA THR C 43 4.89 -5.47 -10.38
C THR C 43 4.23 -4.83 -9.14
N ILE C 44 4.82 -5.04 -7.95
CA ILE C 44 4.31 -4.52 -6.69
C ILE C 44 4.74 -3.07 -6.45
N GLN C 45 6.03 -2.76 -6.66
CA GLN C 45 6.64 -1.46 -6.45
C GLN C 45 5.82 -0.27 -6.97
N THR C 46 5.12 -0.43 -8.10
CA THR C 46 4.31 0.65 -8.66
C THR C 46 3.22 1.11 -7.69
N MET C 47 2.55 0.17 -7.02
CA MET C 47 1.48 0.50 -6.11
C MET C 47 1.97 1.49 -5.09
N LEU C 48 3.05 1.19 -4.37
CA LEU C 48 3.63 2.06 -3.39
C LEU C 48 3.98 3.42 -4.00
N LEU C 49 4.82 3.45 -5.05
CA LEU C 49 5.27 4.68 -5.71
C LEU C 49 4.10 5.57 -6.13
N ARG C 50 3.12 5.02 -6.85
CA ARG C 50 1.97 5.76 -7.35
C ARG C 50 1.07 6.22 -6.20
N LEU C 51 0.72 5.33 -5.26
CA LEU C 51 -0.01 5.71 -4.08
C LEU C 51 0.70 6.89 -3.41
N ILE C 52 2.04 6.89 -3.36
CA ILE C 52 2.80 8.00 -2.82
C ILE C 52 2.70 9.24 -3.72
N LYS C 53 2.68 9.05 -5.05
CA LYS C 53 2.57 10.13 -6.02
C LYS C 53 1.21 10.82 -5.94
N LYS C 54 0.12 10.04 -5.88
CA LYS C 54 -1.25 10.57 -5.82
C LYS C 54 -1.65 10.93 -4.38
N GLY C 55 -0.93 10.42 -3.37
CA GLY C 55 -1.14 10.73 -1.97
C GLY C 55 -1.81 9.67 -1.10
N ALA C 56 -2.11 8.43 -1.56
CA ALA C 56 -2.69 7.44 -0.67
C ALA C 56 -1.69 7.07 0.45
N LEU C 57 -0.40 6.88 0.12
CA LEU C 57 0.69 6.50 1.02
C LEU C 57 1.78 7.58 1.05
N ASN C 58 2.69 7.49 2.03
CA ASN C 58 3.84 8.39 2.16
C ASN C 58 5.07 7.58 2.62
N HIS C 59 6.25 7.73 1.99
CA HIS C 59 7.44 7.02 2.42
C HIS C 59 8.28 7.86 3.38
N HIS C 60 8.96 7.17 4.31
CA HIS C 60 9.81 7.78 5.34
C HIS C 60 11.00 6.87 5.66
N LYS C 61 12.22 7.42 5.64
CA LYS C 61 13.44 6.69 5.96
C LYS C 61 13.64 6.67 7.48
N GLU C 62 13.44 5.48 8.05
CA GLU C 62 13.59 5.14 9.46
C GLU C 62 14.96 4.51 9.64
N GLY C 63 15.65 4.89 10.72
CA GLY C 63 16.98 4.44 11.15
C GLY C 63 17.51 3.19 10.47
N ARG C 64 16.78 2.07 10.60
CA ARG C 64 17.14 0.80 9.98
C ARG C 64 16.96 0.93 8.46
N VAL C 65 15.74 0.73 7.95
CA VAL C 65 15.40 0.85 6.55
C VAL C 65 14.08 1.63 6.46
N PHE C 66 13.61 2.00 5.25
CA PHE C 66 12.43 2.86 5.12
C PHE C 66 11.09 2.16 5.24
N VAL C 67 10.11 2.92 5.73
CA VAL C 67 8.78 2.46 5.91
C VAL C 67 7.79 3.33 5.14
N TYR C 68 6.84 2.62 4.56
CA TYR C 68 5.72 3.19 3.82
C TYR C 68 4.56 3.27 4.82
N THR C 69 4.07 4.50 5.02
CA THR C 69 3.02 4.83 5.97
C THR C 69 1.70 5.19 5.28
N PRO C 70 0.58 4.50 5.59
CA PRO C 70 -0.73 4.81 5.05
C PRO C 70 -1.14 6.25 5.39
N ASN C 71 -1.20 7.12 4.38
CA ASN C 71 -1.59 8.52 4.53
C ASN C 71 -3.10 8.67 4.73
N ILE C 72 -3.87 7.59 4.47
CA ILE C 72 -5.32 7.54 4.62
C ILE C 72 -5.67 6.59 5.76
N ASP C 73 -6.29 7.13 6.81
CA ASP C 73 -6.70 6.43 8.02
C ASP C 73 -8.17 6.69 8.31
N GLU C 74 -8.54 7.98 8.35
CA GLU C 74 -9.91 8.43 8.58
C GLU C 74 -10.64 8.46 7.24
N SER C 75 -10.67 7.29 6.61
CA SER C 75 -11.26 6.98 5.32
C SER C 75 -11.01 5.50 5.05
N ASP C 76 -9.73 5.10 5.07
CA ASP C 76 -9.25 3.74 4.83
C ASP C 76 -9.68 3.28 3.43
N TYR C 77 -10.88 2.70 3.31
CA TYR C 77 -11.47 2.24 2.07
C TYR C 77 -12.99 2.38 2.16
N ILE C 78 -13.56 3.27 1.34
CA ILE C 78 -14.99 3.51 1.25
C ILE C 78 -15.50 2.69 0.07
N GLU C 79 -15.99 1.46 0.36
CA GLU C 79 -16.52 0.56 -0.65
C GLU C 79 -17.92 1.02 -1.03
N VAL C 80 -18.03 1.72 -2.17
CA VAL C 80 -19.30 2.23 -2.67
C VAL C 80 -20.02 1.12 -3.44
N LYS C 81 -21.13 0.63 -2.87
CA LYS C 81 -21.95 -0.41 -3.46
C LYS C 81 -22.74 0.17 -4.63
N SER C 82 -23.63 1.12 -4.33
CA SER C 82 -24.46 1.79 -5.32
C SER C 82 -23.65 2.91 -5.99
N MET C 1 -1.52 14.49 -3.54
CA MET C 1 -2.95 14.37 -3.22
C MET C 1 -3.68 15.69 -3.47
N LYS C 2 -4.84 15.61 -4.13
CA LYS C 2 -5.67 16.77 -4.46
C LYS C 2 -7.14 16.38 -4.61
N LYS C 3 -7.41 15.19 -5.18
CA LYS C 3 -8.74 14.64 -5.41
C LYS C 3 -8.77 13.16 -5.05
N ILE C 4 -9.96 12.56 -5.03
CA ILE C 4 -10.15 11.16 -4.71
C ILE C 4 -9.48 10.27 -5.77
N PRO C 5 -8.81 9.18 -5.37
CA PRO C 5 -8.11 8.28 -6.29
C PRO C 5 -9.08 7.35 -7.01
N GLN C 6 -8.73 7.01 -8.26
CA GLN C 6 -9.48 6.10 -9.11
C GLN C 6 -9.04 4.68 -8.75
N ILE C 7 -9.80 4.05 -7.83
CA ILE C 7 -9.52 2.73 -7.30
C ILE C 7 -9.98 1.64 -8.27
N SER C 8 -9.17 0.57 -8.32
CA SER C 8 -9.36 -0.64 -9.10
C SER C 8 -9.21 -1.84 -8.14
N ASP C 9 -9.43 -3.06 -8.64
CA ASP C 9 -9.29 -4.28 -7.86
C ASP C 9 -7.86 -4.38 -7.32
N ALA C 10 -6.88 -4.46 -8.24
CA ALA C 10 -5.46 -4.53 -7.94
C ALA C 10 -5.00 -3.45 -6.98
N GLU C 11 -5.62 -2.26 -7.06
CA GLU C 11 -5.28 -1.11 -6.25
C GLU C 11 -5.52 -1.39 -4.77
N LEU C 12 -6.72 -1.86 -4.44
CA LEU C 12 -7.16 -2.13 -3.08
C LEU C 12 -6.58 -3.43 -2.54
N GLU C 13 -6.39 -4.46 -3.37
CA GLU C 13 -5.84 -5.74 -2.96
C GLU C 13 -4.56 -5.63 -2.13
N VAL C 14 -3.65 -4.73 -2.49
CA VAL C 14 -2.41 -4.52 -1.74
C VAL C 14 -2.72 -3.72 -0.48
N MET C 15 -3.53 -2.65 -0.60
CA MET C 15 -3.92 -1.79 0.51
C MET C 15 -4.54 -2.61 1.64
N LYS C 16 -5.37 -3.61 1.28
CA LYS C 16 -6.00 -4.55 2.19
C LYS C 16 -4.89 -5.22 3.00
N VAL C 17 -3.87 -5.71 2.30
CA VAL C 17 -2.71 -6.37 2.90
C VAL C 17 -1.87 -5.38 3.70
N ILE C 18 -1.72 -4.12 3.24
CA ILE C 18 -0.95 -3.12 3.98
C ILE C 18 -1.64 -2.83 5.32
N TRP C 19 -2.97 -2.69 5.31
CA TRP C 19 -3.76 -2.40 6.50
C TRP C 19 -3.65 -3.51 7.56
N LYS C 20 -3.22 -4.73 7.19
CA LYS C 20 -3.00 -5.81 8.14
C LYS C 20 -1.77 -5.42 8.99
N HIS C 21 -0.69 -5.04 8.31
CA HIS C 21 0.56 -4.56 8.90
C HIS C 21 0.31 -3.19 9.53
N SER C 22 1.13 -2.72 10.50
CA SER C 22 0.88 -1.39 11.09
C SER C 22 1.00 -0.39 9.95
N SER C 23 2.18 -0.34 9.33
CA SER C 23 2.38 0.22 8.00
C SER C 23 3.16 -0.91 7.30
N ILE C 24 3.96 -0.63 6.25
CA ILE C 24 4.81 -1.67 5.65
C ILE C 24 6.08 -1.06 5.04
N ASN C 25 7.24 -1.77 4.93
CA ASN C 25 8.41 -1.23 4.26
C ASN C 25 8.57 -2.11 3.01
N THR C 26 9.51 -1.76 2.12
CA THR C 26 9.74 -2.49 0.88
C THR C 26 10.12 -3.96 1.07
N ASN C 27 10.59 -4.38 2.25
CA ASN C 27 10.89 -5.81 2.50
C ASN C 27 9.64 -6.58 2.87
N GLU C 28 8.93 -6.10 3.90
CA GLU C 28 7.73 -6.70 4.44
C GLU C 28 6.67 -6.93 3.37
N VAL C 29 6.54 -5.97 2.45
CA VAL C 29 5.59 -5.99 1.34
C VAL C 29 5.92 -7.14 0.39
N ILE C 30 7.20 -7.31 0.03
CA ILE C 30 7.66 -8.37 -0.85
C ILE C 30 7.38 -9.72 -0.20
N LYS C 31 7.96 -9.97 0.97
CA LYS C 31 7.78 -11.19 1.73
C LYS C 31 6.31 -11.60 1.88
N GLU C 32 5.40 -10.62 1.97
CA GLU C 32 3.98 -10.86 2.13
C GLU C 32 3.25 -11.09 0.79
N LEU C 33 3.26 -10.12 -0.12
CA LEU C 33 2.55 -10.20 -1.40
C LEU C 33 3.16 -11.19 -2.40
N SER C 34 4.44 -11.06 -2.76
CA SER C 34 5.11 -11.88 -3.79
C SER C 34 4.80 -13.38 -3.73
N LYS C 35 4.67 -13.94 -2.52
CA LYS C 35 4.38 -15.36 -2.33
C LYS C 35 2.98 -15.72 -2.84
N THR C 36 1.98 -14.94 -2.42
CA THR C 36 0.58 -15.16 -2.75
C THR C 36 0.20 -14.72 -4.17
N SER C 37 0.62 -13.51 -4.57
CA SER C 37 0.31 -12.89 -5.86
C SER C 37 1.36 -13.16 -6.93
N THR C 38 0.97 -12.94 -8.19
CA THR C 38 1.84 -13.09 -9.36
C THR C 38 3.03 -12.15 -9.19
N TRP C 39 2.75 -10.82 -9.23
CA TRP C 39 3.64 -9.69 -9.02
C TRP C 39 5.00 -10.08 -8.45
N SER C 40 6.00 -10.19 -9.35
CA SER C 40 7.38 -10.53 -9.01
C SER C 40 7.98 -9.45 -8.08
N PRO C 41 9.05 -9.73 -7.32
CA PRO C 41 9.69 -8.78 -6.41
C PRO C 41 9.90 -7.39 -6.99
N LYS C 42 10.23 -7.30 -8.29
CA LYS C 42 10.41 -6.03 -8.99
C LYS C 42 9.07 -5.29 -9.10
N THR C 43 8.00 -6.02 -9.44
CA THR C 43 6.64 -5.50 -9.55
C THR C 43 6.05 -5.10 -8.19
N ILE C 44 6.58 -5.64 -7.09
CA ILE C 44 6.10 -5.25 -5.77
C ILE C 44 6.44 -3.79 -5.49
N GLN C 45 7.66 -3.38 -5.88
CA GLN C 45 8.20 -2.04 -5.68
C GLN C 45 7.24 -0.93 -6.13
N THR C 46 6.67 -1.05 -7.34
CA THR C 46 5.77 -0.02 -7.85
C THR C 46 4.46 0.03 -7.09
N MET C 47 3.93 -1.13 -6.67
CA MET C 47 2.61 -1.31 -6.07
C MET C 47 2.26 -0.30 -4.97
N LEU C 48 3.30 0.23 -4.33
CA LEU C 48 3.23 1.23 -3.30
C LEU C 48 3.18 2.61 -3.94
N LEU C 49 4.18 2.89 -4.79
CA LEU C 49 4.37 4.12 -5.55
C LEU C 49 3.23 4.39 -6.54
N ARG C 50 2.41 3.38 -6.89
CA ARG C 50 1.26 3.55 -7.80
C ARG C 50 0.36 4.65 -7.25
N LEU C 51 -0.13 4.39 -6.03
CA LEU C 51 -0.96 5.26 -5.26
C LEU C 51 -0.37 6.65 -5.16
N ILE C 52 0.90 6.74 -4.70
CA ILE C 52 1.64 7.97 -4.49
C ILE C 52 1.59 8.91 -5.70
N LYS C 53 1.57 8.38 -6.93
CA LYS C 53 1.51 9.19 -8.14
C LYS C 53 0.29 10.13 -8.11
N LYS C 54 -0.89 9.61 -7.76
CA LYS C 54 -2.11 10.41 -7.61
C LYS C 54 -2.27 10.89 -6.17
N GLY C 55 -1.57 10.26 -5.22
CA GLY C 55 -1.58 10.57 -3.81
C GLY C 55 -2.41 9.62 -2.95
N ALA C 56 -2.73 8.39 -3.40
CA ALA C 56 -3.48 7.47 -2.55
C ALA C 56 -2.65 6.91 -1.37
N LEU C 57 -1.34 7.19 -1.32
CA LEU C 57 -0.39 6.84 -0.27
C LEU C 57 0.72 7.92 -0.31
N ASN C 58 1.53 8.01 0.76
CA ASN C 58 2.67 8.94 0.81
C ASN C 58 3.86 8.29 1.52
N HIS C 59 5.07 8.21 0.92
CA HIS C 59 6.21 7.61 1.61
C HIS C 59 7.05 8.66 2.31
N HIS C 60 7.66 8.22 3.43
CA HIS C 60 8.49 9.04 4.30
C HIS C 60 9.58 8.17 4.89
N LYS C 61 10.80 8.71 5.10
CA LYS C 61 11.90 7.93 5.65
C LYS C 61 11.75 7.91 7.16
N GLU C 62 11.17 6.81 7.66
CA GLU C 62 10.91 6.59 9.07
C GLU C 62 12.15 5.97 9.71
N GLY C 63 13.14 6.82 9.98
CA GLY C 63 14.41 6.47 10.61
C GLY C 63 15.19 5.42 9.81
N ARG C 64 14.91 4.14 10.08
CA ARG C 64 15.57 3.01 9.45
C ARG C 64 15.20 2.91 7.97
N VAL C 65 13.90 2.72 7.66
CA VAL C 65 13.40 2.59 6.30
C VAL C 65 12.17 3.45 6.06
N PHE C 66 11.94 3.73 4.76
CA PHE C 66 10.84 4.52 4.25
C PHE C 66 9.62 3.63 4.15
N VAL C 67 8.52 4.18 4.64
CA VAL C 67 7.26 3.52 4.78
C VAL C 67 6.18 4.33 4.08
N TYR C 68 5.28 3.63 3.38
CA TYR C 68 4.19 4.22 2.61
C TYR C 68 3.02 4.24 3.59
N THR C 69 2.51 5.45 3.83
CA THR C 69 1.47 5.75 4.80
C THR C 69 0.07 5.80 4.16
N PRO C 70 -0.91 5.05 4.71
CA PRO C 70 -2.28 5.05 4.22
C PRO C 70 -2.92 6.45 4.20
N ASN C 71 -2.88 7.12 3.04
CA ASN C 71 -3.49 8.44 2.83
C ASN C 71 -5.01 8.34 3.02
N ILE C 72 -5.58 7.19 2.63
CA ILE C 72 -6.98 6.84 2.73
C ILE C 72 -7.08 5.71 3.76
N ASP C 73 -8.25 5.53 4.38
CA ASP C 73 -8.46 4.56 5.44
C ASP C 73 -9.14 3.27 4.95
N GLU C 74 -9.02 2.21 5.75
CA GLU C 74 -9.62 0.91 5.51
C GLU C 74 -11.15 0.99 5.59
N SER C 75 -11.68 1.84 6.48
CA SER C 75 -13.11 2.04 6.67
C SER C 75 -13.76 2.58 5.39
N ASP C 76 -13.03 3.42 4.64
CA ASP C 76 -13.49 3.98 3.38
C ASP C 76 -13.73 2.88 2.33
N TYR C 77 -13.07 1.73 2.48
CA TYR C 77 -13.16 0.60 1.57
C TYR C 77 -13.37 -0.69 2.36
N ILE C 78 -12.40 -1.61 2.35
CA ILE C 78 -12.46 -2.90 3.03
C ILE C 78 -11.89 -2.74 4.44
N GLU C 79 -12.76 -2.70 5.45
CA GLU C 79 -12.38 -2.55 6.84
C GLU C 79 -11.87 -3.90 7.34
N VAL C 80 -10.54 -4.05 7.40
CA VAL C 80 -9.88 -5.28 7.82
C VAL C 80 -9.97 -5.48 9.33
N LYS C 81 -10.03 -6.75 9.75
CA LYS C 81 -10.12 -7.15 11.16
C LYS C 81 -8.87 -6.75 11.95
N SER C 82 -8.99 -6.78 13.29
CA SER C 82 -7.92 -6.44 14.21
C SER C 82 -8.18 -7.10 15.57
N MET C 1 -12.56 12.74 -2.24
CA MET C 1 -12.27 12.77 -3.69
C MET C 1 -11.01 13.60 -3.97
N LYS C 2 -10.13 13.09 -4.84
CA LYS C 2 -8.87 13.71 -5.24
C LYS C 2 -7.81 13.52 -4.17
N LYS C 3 -8.07 14.02 -2.95
CA LYS C 3 -7.18 13.90 -1.80
C LYS C 3 -6.94 12.42 -1.50
N ILE C 4 -8.02 11.64 -1.45
CA ILE C 4 -7.99 10.21 -1.18
C ILE C 4 -7.38 9.47 -2.38
N PRO C 5 -6.67 8.34 -2.16
CA PRO C 5 -6.05 7.56 -3.22
C PRO C 5 -7.12 6.78 -3.98
N GLN C 6 -7.06 6.80 -5.32
CA GLN C 6 -7.99 6.08 -6.18
C GLN C 6 -7.67 4.60 -6.05
N ILE C 7 -8.47 3.87 -5.28
CA ILE C 7 -8.25 2.45 -5.04
C ILE C 7 -8.78 1.63 -6.22
N SER C 8 -7.85 0.93 -6.88
CA SER C 8 -8.11 0.04 -7.99
C SER C 8 -8.13 -1.39 -7.47
N ASP C 9 -8.37 -2.36 -8.37
CA ASP C 9 -8.39 -3.77 -8.02
C ASP C 9 -7.04 -4.18 -7.43
N ALA C 10 -5.95 -3.89 -8.16
CA ALA C 10 -4.59 -4.19 -7.75
C ALA C 10 -4.14 -3.44 -6.50
N GLU C 11 -4.78 -2.30 -6.17
CA GLU C 11 -4.41 -1.51 -5.00
C GLU C 11 -4.86 -2.22 -3.73
N LEU C 12 -6.15 -2.55 -3.65
CA LEU C 12 -6.74 -3.20 -2.49
C LEU C 12 -6.05 -4.53 -2.17
N GLU C 13 -5.63 -5.27 -3.22
CA GLU C 13 -4.92 -6.52 -3.07
C GLU C 13 -3.65 -6.34 -2.25
N VAL C 14 -2.83 -5.31 -2.54
CA VAL C 14 -1.62 -5.06 -1.78
C VAL C 14 -1.97 -4.50 -0.42
N MET C 15 -2.79 -3.44 -0.35
CA MET C 15 -3.22 -2.80 0.87
C MET C 15 -3.69 -3.81 1.92
N LYS C 16 -4.35 -4.88 1.47
CA LYS C 16 -4.83 -5.96 2.33
C LYS C 16 -3.67 -6.56 3.11
N VAL C 17 -2.59 -6.95 2.42
CA VAL C 17 -1.40 -7.51 3.04
C VAL C 17 -0.73 -6.49 3.96
N ILE C 18 -0.68 -5.22 3.55
CA ILE C 18 -0.08 -4.17 4.34
C ILE C 18 -0.87 -3.97 5.65
N TRP C 19 -2.21 -3.95 5.56
CA TRP C 19 -3.09 -3.80 6.71
C TRP C 19 -3.11 -5.07 7.56
N LYS C 20 -2.81 -6.24 6.97
CA LYS C 20 -2.73 -7.49 7.71
C LYS C 20 -1.60 -7.38 8.74
N HIS C 21 -0.44 -6.87 8.28
CA HIS C 21 0.73 -6.59 9.11
C HIS C 21 0.47 -5.29 9.89
N SER C 22 1.16 -5.03 11.02
CA SER C 22 0.93 -3.80 11.79
C SER C 22 1.22 -2.62 10.85
N SER C 23 2.44 -2.58 10.33
CA SER C 23 2.82 -1.75 9.20
C SER C 23 3.52 -2.76 8.29
N ILE C 24 4.45 -2.40 7.40
CA ILE C 24 5.20 -3.40 6.65
C ILE C 24 6.61 -2.93 6.27
N ASN C 25 7.59 -3.83 6.10
CA ASN C 25 8.93 -3.55 5.66
C ASN C 25 8.89 -4.27 4.29
N THR C 26 9.35 -3.63 3.21
CA THR C 26 9.29 -4.15 1.84
C THR C 26 9.61 -5.64 1.70
N ASN C 27 10.43 -6.25 2.58
CA ASN C 27 10.66 -7.68 2.44
C ASN C 27 9.38 -8.49 2.61
N GLU C 28 8.56 -8.17 3.61
CA GLU C 28 7.32 -8.87 3.87
C GLU C 28 6.34 -8.62 2.74
N VAL C 29 6.25 -7.37 2.27
CA VAL C 29 5.34 -7.02 1.19
C VAL C 29 5.71 -7.83 -0.06
N ILE C 30 6.95 -7.72 -0.55
CA ILE C 30 7.39 -8.46 -1.73
C ILE C 30 7.25 -9.97 -1.49
N LYS C 31 7.70 -10.46 -0.33
CA LYS C 31 7.58 -11.88 0.04
C LYS C 31 6.13 -12.36 -0.05
N GLU C 32 5.14 -11.55 0.34
CA GLU C 32 3.73 -11.92 0.30
C GLU C 32 3.14 -11.77 -1.10
N LEU C 33 3.13 -10.55 -1.65
CA LEU C 33 2.59 -10.17 -2.92
C LEU C 33 3.13 -11.03 -4.07
N SER C 34 4.42 -11.35 -4.05
CA SER C 34 5.08 -12.15 -5.08
C SER C 34 4.57 -13.59 -5.08
N LYS C 35 4.35 -14.17 -3.89
CA LYS C 35 3.86 -15.54 -3.75
C LYS C 35 2.39 -15.64 -4.13
N THR C 36 1.58 -14.69 -3.65
CA THR C 36 0.15 -14.66 -3.87
C THR C 36 -0.20 -14.27 -5.31
N SER C 37 0.18 -13.06 -5.72
CA SER C 37 -0.09 -12.50 -7.04
C SER C 37 1.07 -12.76 -8.00
N THR C 38 0.81 -12.64 -9.31
CA THR C 38 1.77 -12.85 -10.39
C THR C 38 2.99 -11.95 -10.17
N TRP C 39 2.75 -10.63 -10.16
CA TRP C 39 3.69 -9.53 -9.96
C TRP C 39 5.05 -9.91 -9.36
N SER C 40 6.13 -9.68 -10.10
CA SER C 40 7.50 -9.92 -9.68
C SER C 40 7.97 -8.81 -8.73
N PRO C 41 9.17 -8.90 -8.12
CA PRO C 41 9.69 -7.88 -7.21
C PRO C 41 9.63 -6.47 -7.80
N LYS C 42 9.94 -6.33 -9.10
CA LYS C 42 9.90 -5.06 -9.80
C LYS C 42 8.46 -4.57 -9.92
N THR C 43 7.57 -5.42 -10.44
CA THR C 43 6.15 -5.17 -10.62
C THR C 43 5.45 -4.66 -9.35
N ILE C 44 5.93 -5.08 -8.18
CA ILE C 44 5.39 -4.72 -6.88
C ILE C 44 5.77 -3.31 -6.45
N GLN C 45 7.05 -2.96 -6.60
CA GLN C 45 7.65 -1.69 -6.21
C GLN C 45 6.90 -0.42 -6.67
N THR C 46 6.21 -0.45 -7.82
CA THR C 46 5.51 0.72 -8.34
C THR C 46 4.35 1.19 -7.46
N MET C 47 3.42 0.29 -7.14
CA MET C 47 2.23 0.59 -6.36
C MET C 47 2.62 1.31 -5.09
N LEU C 48 3.56 0.70 -4.37
CA LEU C 48 4.10 1.19 -3.11
C LEU C 48 4.62 2.63 -3.26
N LEU C 49 5.50 2.87 -4.25
CA LEU C 49 6.11 4.17 -4.51
C LEU C 49 5.08 5.21 -4.95
N ARG C 50 4.18 4.84 -5.87
CA ARG C 50 3.19 5.75 -6.44
C ARG C 50 2.16 6.18 -5.42
N LEU C 51 1.64 5.25 -4.61
CA LEU C 51 0.77 5.54 -3.52
C LEU C 51 1.44 6.60 -2.65
N ILE C 52 2.73 6.45 -2.33
CA ILE C 52 3.47 7.41 -1.54
C ILE C 52 3.53 8.78 -2.23
N LYS C 53 3.79 8.79 -3.55
CA LYS C 53 3.83 10.01 -4.35
C LYS C 53 2.48 10.71 -4.35
N LYS C 54 1.39 9.93 -4.43
CA LYS C 54 0.02 10.43 -4.46
C LYS C 54 -0.61 10.60 -3.06
N GLY C 55 0.06 10.15 -1.99
CA GLY C 55 -0.40 10.31 -0.62
C GLY C 55 -0.96 9.07 0.10
N ALA C 56 -1.20 7.93 -0.56
CA ALA C 56 -1.70 6.73 0.12
C ALA C 56 -0.81 6.28 1.29
N LEU C 57 0.45 5.94 1.00
CA LEU C 57 1.44 5.41 1.94
C LEU C 57 2.55 6.41 2.27
N ASN C 58 3.36 6.12 3.31
CA ASN C 58 4.50 6.94 3.70
C ASN C 58 5.70 6.08 4.14
N HIS C 59 6.86 6.15 3.46
CA HIS C 59 8.05 5.41 3.84
C HIS C 59 8.98 6.24 4.73
N HIS C 60 9.46 5.60 5.80
CA HIS C 60 10.41 6.20 6.75
C HIS C 60 11.36 5.15 7.32
N LYS C 61 12.63 5.52 7.51
CA LYS C 61 13.69 4.64 8.01
C LYS C 61 13.64 4.59 9.54
N GLU C 62 13.34 3.41 10.09
CA GLU C 62 13.17 3.17 11.52
C GLU C 62 14.16 2.14 12.05
N GLY C 63 15.14 2.61 12.85
CA GLY C 63 16.15 1.81 13.51
C GLY C 63 16.88 0.85 12.56
N ARG C 64 16.38 -0.39 12.45
CA ARG C 64 16.95 -1.43 11.61
C ARG C 64 16.79 -1.06 10.13
N VAL C 65 15.62 -1.37 9.54
CA VAL C 65 15.29 -1.08 8.17
C VAL C 65 13.99 -0.26 8.22
N PHE C 66 13.54 0.22 7.07
CA PHE C 66 12.42 1.15 6.93
C PHE C 66 11.05 0.48 6.95
N VAL C 67 10.06 1.27 7.37
CA VAL C 67 8.69 0.86 7.41
C VAL C 67 7.82 1.71 6.49
N TYR C 68 6.95 1.02 5.76
CA TYR C 68 5.92 1.62 4.91
C TYR C 68 4.68 1.64 5.81
N THR C 69 4.13 2.84 6.05
CA THR C 69 2.98 3.04 6.91
C THR C 69 1.79 3.61 6.13
N PRO C 70 0.63 2.94 6.16
CA PRO C 70 -0.59 3.40 5.50
C PRO C 70 -1.03 4.75 6.06
N ASN C 71 -0.85 5.81 5.26
CA ASN C 71 -1.22 7.16 5.65
C ASN C 71 -2.74 7.38 5.61
N ILE C 72 -3.50 6.39 5.10
CA ILE C 72 -4.96 6.42 5.00
C ILE C 72 -5.57 5.38 5.94
N ASP C 73 -6.35 5.86 6.91
CA ASP C 73 -7.04 5.07 7.92
C ASP C 73 -8.50 5.48 7.91
N GLU C 74 -8.74 6.80 8.04
CA GLU C 74 -10.05 7.42 7.99
C GLU C 74 -10.74 7.10 6.66
N SER C 75 -9.95 7.07 5.57
CA SER C 75 -10.38 6.75 4.23
C SER C 75 -9.60 5.51 3.77
N ASP C 76 -9.79 4.40 4.49
CA ASP C 76 -9.17 3.11 4.19
C ASP C 76 -9.50 2.73 2.75
N TYR C 77 -10.80 2.55 2.47
CA TYR C 77 -11.33 2.26 1.16
C TYR C 77 -12.78 2.73 1.09
N ILE C 78 -13.12 3.48 0.03
CA ILE C 78 -14.44 4.02 -0.23
C ILE C 78 -14.88 3.48 -1.60
N GLU C 79 -15.64 2.37 -1.58
CA GLU C 79 -16.15 1.71 -2.78
C GLU C 79 -17.33 2.51 -3.34
N VAL C 80 -17.35 2.72 -4.65
CA VAL C 80 -18.39 3.45 -5.35
C VAL C 80 -19.66 2.59 -5.47
N LYS C 81 -20.83 3.23 -5.37
CA LYS C 81 -22.12 2.56 -5.47
C LYS C 81 -22.33 2.10 -6.92
N SER C 82 -22.32 3.06 -7.85
CA SER C 82 -22.48 2.82 -9.28
C SER C 82 -21.18 2.25 -9.85
N MET C 1 -14.37 7.94 -1.00
CA MET C 1 -14.66 9.06 -0.08
C MET C 1 -14.39 10.42 -0.74
N LYS C 2 -14.91 10.61 -1.97
CA LYS C 2 -14.82 11.83 -2.76
C LYS C 2 -13.38 12.15 -3.20
N LYS C 3 -13.08 11.92 -4.48
CA LYS C 3 -11.78 12.16 -5.11
C LYS C 3 -10.69 11.38 -4.38
N ILE C 4 -10.69 10.05 -4.57
CA ILE C 4 -9.77 9.10 -3.96
C ILE C 4 -9.20 8.15 -5.02
N PRO C 5 -8.19 7.33 -4.71
CA PRO C 5 -7.55 6.39 -5.65
C PRO C 5 -8.55 5.44 -6.30
N GLN C 6 -8.30 5.08 -7.57
CA GLN C 6 -9.13 4.17 -8.33
C GLN C 6 -8.81 2.75 -7.87
N ILE C 7 -9.40 2.35 -6.73
CA ILE C 7 -9.17 1.05 -6.12
C ILE C 7 -10.00 -0.04 -6.82
N SER C 8 -9.36 -1.21 -6.91
CA SER C 8 -9.89 -2.44 -7.49
C SER C 8 -9.43 -3.58 -6.58
N ASP C 9 -9.54 -4.83 -7.06
CA ASP C 9 -9.07 -5.98 -6.31
C ASP C 9 -7.56 -5.84 -6.08
N ALA C 10 -6.82 -5.52 -7.14
CA ALA C 10 -5.38 -5.35 -7.11
C ALA C 10 -4.92 -4.30 -6.10
N GLU C 11 -5.55 -3.11 -6.09
CA GLU C 11 -5.15 -2.07 -5.16
C GLU C 11 -5.54 -2.48 -3.74
N LEU C 12 -6.77 -2.97 -3.56
CA LEU C 12 -7.26 -3.36 -2.26
C LEU C 12 -6.44 -4.49 -1.63
N GLU C 13 -5.87 -5.41 -2.44
CA GLU C 13 -5.01 -6.47 -1.91
C GLU C 13 -3.81 -5.83 -1.21
N VAL C 14 -3.23 -4.81 -1.86
CA VAL C 14 -2.09 -4.07 -1.36
C VAL C 14 -2.49 -3.26 -0.14
N MET C 15 -3.44 -2.35 -0.30
CA MET C 15 -3.92 -1.44 0.73
C MET C 15 -4.34 -2.19 1.98
N LYS C 16 -5.01 -3.33 1.79
CA LYS C 16 -5.47 -4.23 2.83
C LYS C 16 -4.30 -4.69 3.71
N VAL C 17 -3.19 -5.17 3.12
CA VAL C 17 -2.02 -5.62 3.84
C VAL C 17 -1.40 -4.46 4.63
N ILE C 18 -1.19 -3.33 3.95
CA ILE C 18 -0.59 -2.14 4.51
C ILE C 18 -1.36 -1.61 5.72
N TRP C 19 -2.70 -1.60 5.65
CA TRP C 19 -3.55 -1.11 6.73
C TRP C 19 -3.45 -1.95 8.01
N LYS C 20 -2.95 -3.18 7.96
CA LYS C 20 -2.76 -4.02 9.15
C LYS C 20 -1.61 -3.44 9.97
N HIS C 21 -0.48 -3.19 9.31
CA HIS C 21 0.74 -2.64 9.88
C HIS C 21 0.53 -1.13 10.20
N SER C 22 1.26 -0.56 11.18
CA SER C 22 1.14 0.86 11.54
C SER C 22 1.43 1.69 10.29
N SER C 23 2.62 1.50 9.72
CA SER C 23 2.96 1.95 8.38
C SER C 23 3.51 0.67 7.75
N ILE C 24 4.37 0.69 6.71
CA ILE C 24 4.99 -0.55 6.25
C ILE C 24 6.36 -0.29 5.62
N ASN C 25 7.39 -1.14 5.85
CA ASN C 25 8.66 -1.03 5.20
C ASN C 25 8.46 -2.04 4.06
N THR C 26 8.86 -1.65 2.85
CA THR C 26 8.72 -2.37 1.61
C THR C 26 9.05 -3.86 1.74
N ASN C 27 10.02 -4.25 2.59
CA ASN C 27 10.32 -5.66 2.75
C ASN C 27 9.09 -6.47 3.16
N GLU C 28 8.29 -5.96 4.11
CA GLU C 28 7.08 -6.62 4.56
C GLU C 28 6.02 -6.64 3.46
N VAL C 29 5.94 -5.56 2.65
CA VAL C 29 5.01 -5.46 1.53
C VAL C 29 5.34 -6.54 0.50
N ILE C 30 6.59 -6.57 -0.01
CA ILE C 30 7.01 -7.56 -0.97
C ILE C 30 6.91 -8.95 -0.36
N LYS C 31 7.49 -9.13 0.84
CA LYS C 31 7.44 -10.39 1.58
C LYS C 31 6.02 -10.97 1.63
N GLU C 32 4.98 -10.14 1.81
CA GLU C 32 3.60 -10.58 1.88
C GLU C 32 2.95 -10.71 0.50
N LEU C 33 2.85 -9.60 -0.24
CA LEU C 33 2.22 -9.55 -1.55
C LEU C 33 2.81 -10.55 -2.55
N SER C 34 4.14 -10.64 -2.66
CA SER C 34 4.81 -11.54 -3.59
C SER C 34 4.40 -13.00 -3.43
N LYS C 35 4.11 -13.43 -2.19
CA LYS C 35 3.69 -14.80 -1.92
C LYS C 35 2.26 -15.04 -2.39
N THR C 36 1.35 -14.10 -2.07
CA THR C 36 -0.06 -14.20 -2.40
C THR C 36 -0.32 -14.00 -3.90
N SER C 37 0.11 -12.86 -4.46
CA SER C 37 -0.08 -12.49 -5.85
C SER C 37 1.12 -12.90 -6.72
N THR C 38 0.90 -12.95 -8.04
CA THR C 38 1.91 -13.31 -9.03
C THR C 38 3.01 -12.24 -9.07
N TRP C 39 2.60 -10.97 -9.15
CA TRP C 39 3.38 -9.74 -9.20
C TRP C 39 4.79 -9.87 -8.63
N SER C 40 5.80 -9.55 -9.45
CA SER C 40 7.21 -9.59 -9.08
C SER C 40 7.53 -8.44 -8.12
N PRO C 41 8.69 -8.45 -7.44
CA PRO C 41 9.11 -7.37 -6.55
C PRO C 41 9.04 -6.02 -7.26
N LYS C 42 9.50 -6.00 -8.52
CA LYS C 42 9.49 -4.82 -9.38
C LYS C 42 8.07 -4.30 -9.56
N THR C 43 7.12 -5.19 -9.90
CA THR C 43 5.72 -4.84 -10.07
C THR C 43 5.14 -4.28 -8.78
N ILE C 44 5.43 -4.92 -7.65
CA ILE C 44 4.96 -4.48 -6.35
C ILE C 44 5.44 -3.06 -6.06
N GLN C 45 6.75 -2.88 -5.93
CA GLN C 45 7.41 -1.60 -5.63
C GLN C 45 6.87 -0.41 -6.41
N THR C 46 6.48 -0.62 -7.67
CA THR C 46 5.99 0.44 -8.53
C THR C 46 4.54 0.82 -8.22
N MET C 47 3.72 -0.15 -7.78
CA MET C 47 2.34 0.10 -7.40
C MET C 47 2.34 1.24 -6.37
N LEU C 48 3.15 1.11 -5.31
CA LEU C 48 3.32 2.08 -4.28
C LEU C 48 3.77 3.43 -4.85
N LEU C 49 4.83 3.44 -5.67
CA LEU C 49 5.36 4.64 -6.30
C LEU C 49 4.28 5.40 -7.05
N ARG C 50 3.45 4.69 -7.83
CA ARG C 50 2.39 5.29 -8.61
C ARG C 50 1.31 5.83 -7.68
N LEU C 51 0.85 5.02 -6.72
CA LEU C 51 -0.05 5.44 -5.68
C LEU C 51 0.44 6.76 -5.08
N ILE C 52 1.73 6.85 -4.71
CA ILE C 52 2.32 8.05 -4.15
C ILE C 52 2.29 9.21 -5.14
N LYS C 53 2.64 8.95 -6.41
CA LYS C 53 2.62 9.95 -7.48
C LYS C 53 1.19 10.50 -7.68
N LYS C 54 0.19 9.62 -7.57
CA LYS C 54 -1.23 9.96 -7.71
C LYS C 54 -1.81 10.50 -6.39
N GLY C 55 -1.14 10.27 -5.25
CA GLY C 55 -1.54 10.76 -3.94
C GLY C 55 -2.15 9.75 -2.98
N ALA C 56 -2.32 8.46 -3.33
CA ALA C 56 -2.88 7.49 -2.40
C ALA C 56 -2.02 7.35 -1.13
N LEU C 57 -0.71 7.11 -1.29
CA LEU C 57 0.28 6.87 -0.24
C LEU C 57 1.35 7.95 -0.19
N ASN C 58 2.15 7.98 0.89
CA ASN C 58 3.26 8.90 1.08
C ASN C 58 4.44 8.16 1.74
N HIS C 59 5.65 8.24 1.17
CA HIS C 59 6.82 7.58 1.72
C HIS C 59 7.65 8.50 2.62
N HIS C 60 8.29 7.89 3.64
CA HIS C 60 9.15 8.57 4.60
C HIS C 60 10.29 7.65 5.02
N LYS C 61 11.55 8.06 4.75
CA LYS C 61 12.75 7.32 5.10
C LYS C 61 13.06 7.65 6.56
N GLU C 62 12.61 6.74 7.42
CA GLU C 62 12.67 6.81 8.87
C GLU C 62 13.93 6.15 9.45
N GLY C 63 14.96 6.95 9.69
CA GLY C 63 16.23 6.53 10.30
C GLY C 63 16.89 5.39 9.52
N ARG C 64 16.55 4.14 9.88
CA ARG C 64 17.08 2.93 9.24
C ARG C 64 16.64 2.88 7.79
N VAL C 65 15.39 2.45 7.52
CA VAL C 65 14.79 2.35 6.23
C VAL C 65 13.40 2.97 6.40
N PHE C 66 12.69 3.11 5.29
CA PHE C 66 11.42 3.79 5.12
C PHE C 66 10.14 3.06 5.51
N VAL C 67 9.12 3.85 5.86
CA VAL C 67 7.78 3.43 6.13
C VAL C 67 6.79 4.20 5.25
N TYR C 68 5.77 3.50 4.73
CA TYR C 68 4.71 4.07 3.88
C TYR C 68 3.57 4.42 4.82
N THR C 69 3.20 5.72 4.81
CA THR C 69 2.15 6.32 5.61
C THR C 69 0.90 6.51 4.72
N PRO C 70 -0.19 5.74 4.94
CA PRO C 70 -1.41 5.87 4.15
C PRO C 70 -2.00 7.29 4.23
N ASN C 71 -1.93 8.02 3.11
CA ASN C 71 -2.44 9.38 3.01
C ASN C 71 -3.98 9.41 2.98
N ILE C 72 -4.62 8.25 2.78
CA ILE C 72 -6.07 8.05 2.72
C ILE C 72 -6.57 7.23 3.91
N ASP C 73 -7.87 7.31 4.18
CA ASP C 73 -8.54 6.62 5.28
C ASP C 73 -8.36 5.10 5.23
N GLU C 74 -8.51 4.46 6.39
CA GLU C 74 -8.39 3.01 6.54
C GLU C 74 -9.44 2.29 5.69
N SER C 75 -10.67 2.83 5.67
CA SER C 75 -11.80 2.32 4.90
C SER C 75 -12.12 3.35 3.81
N ASP C 76 -11.14 3.61 2.95
CA ASP C 76 -11.27 4.55 1.85
C ASP C 76 -12.22 3.99 0.78
N TYR C 77 -12.08 2.71 0.47
CA TYR C 77 -12.88 2.01 -0.53
C TYR C 77 -14.28 1.70 0.02
N ILE C 78 -14.34 1.13 1.23
CA ILE C 78 -15.58 0.75 1.90
C ILE C 78 -16.16 2.01 2.55
N GLU C 79 -17.26 2.53 2.00
CA GLU C 79 -17.93 3.72 2.50
C GLU C 79 -18.69 3.38 3.77
N VAL C 80 -18.09 3.71 4.93
CA VAL C 80 -18.65 3.48 6.25
C VAL C 80 -19.54 4.66 6.66
N LYS C 81 -20.58 4.36 7.45
CA LYS C 81 -21.54 5.35 7.95
C LYS C 81 -20.89 6.36 8.91
N SER C 82 -21.62 7.45 9.20
CA SER C 82 -21.20 8.51 10.08
C SER C 82 -19.97 9.23 9.53
N MET C 1 -0.88 14.99 -1.70
CA MET C 1 -2.14 15.24 -0.99
C MET C 1 -3.11 14.07 -1.15
N LYS C 2 -3.94 13.83 -0.12
CA LYS C 2 -4.92 12.76 -0.11
C LYS C 2 -6.08 13.18 -1.03
N LYS C 3 -6.08 12.68 -2.26
CA LYS C 3 -7.11 12.97 -3.25
C LYS C 3 -8.31 12.08 -2.96
N ILE C 4 -8.40 10.93 -3.65
CA ILE C 4 -9.45 9.93 -3.53
C ILE C 4 -8.95 8.67 -4.24
N PRO C 5 -8.22 7.78 -3.54
CA PRO C 5 -7.65 6.58 -4.13
C PRO C 5 -8.69 5.70 -4.82
N GLN C 6 -8.46 5.40 -6.10
CA GLN C 6 -9.35 4.56 -6.91
C GLN C 6 -9.07 3.10 -6.54
N ILE C 7 -9.66 2.65 -5.43
CA ILE C 7 -9.48 1.31 -4.90
C ILE C 7 -10.35 0.30 -5.63
N SER C 8 -9.78 -0.90 -5.78
CA SER C 8 -10.35 -2.09 -6.37
C SER C 8 -9.96 -3.26 -5.46
N ASP C 9 -10.14 -4.49 -5.93
CA ASP C 9 -9.74 -5.67 -5.17
C ASP C 9 -8.22 -5.62 -4.96
N ALA C 10 -7.48 -5.35 -6.03
CA ALA C 10 -6.03 -5.27 -6.02
C ALA C 10 -5.47 -4.24 -5.05
N GLU C 11 -6.04 -3.02 -5.02
CA GLU C 11 -5.52 -1.99 -4.14
C GLU C 11 -5.71 -2.39 -2.67
N LEU C 12 -6.94 -2.75 -2.31
CA LEU C 12 -7.30 -3.14 -0.95
C LEU C 12 -6.55 -4.39 -0.50
N GLU C 13 -6.34 -5.38 -1.39
CA GLU C 13 -5.61 -6.61 -1.06
C GLU C 13 -4.23 -6.30 -0.47
N VAL C 14 -3.59 -5.24 -0.98
CA VAL C 14 -2.29 -4.79 -0.50
C VAL C 14 -2.48 -4.16 0.87
N MET C 15 -3.31 -3.11 0.95
CA MET C 15 -3.60 -2.35 2.16
C MET C 15 -3.87 -3.27 3.35
N LYS C 16 -4.66 -4.31 3.07
CA LYS C 16 -5.05 -5.36 4.01
C LYS C 16 -3.83 -5.91 4.74
N VAL C 17 -2.74 -6.25 4.03
CA VAL C 17 -1.53 -6.76 4.66
C VAL C 17 -0.84 -5.65 5.46
N ILE C 18 -0.69 -4.47 4.83
CA ILE C 18 -0.01 -3.32 5.39
C ILE C 18 -0.62 -2.87 6.72
N TRP C 19 -1.96 -2.83 6.82
CA TRP C 19 -2.66 -2.40 8.02
C TRP C 19 -2.38 -3.30 9.23
N LYS C 20 -2.00 -4.58 9.02
CA LYS C 20 -1.66 -5.47 10.11
C LYS C 20 -0.34 -5.01 10.74
N HIS C 21 0.64 -4.69 9.88
CA HIS C 21 1.95 -4.20 10.25
C HIS C 21 1.85 -2.75 10.76
N SER C 22 2.78 -2.26 11.62
CA SER C 22 2.73 -0.88 12.13
C SER C 22 2.82 0.06 10.92
N SER C 23 3.91 -0.07 10.16
CA SER C 23 4.02 0.51 8.83
C SER C 23 4.48 -0.71 8.01
N ILE C 24 5.17 -0.59 6.87
CA ILE C 24 5.73 -1.79 6.23
C ILE C 24 7.00 -1.48 5.44
N ASN C 25 8.07 -2.29 5.56
CA ASN C 25 9.27 -2.13 4.80
C ASN C 25 9.01 -3.07 3.60
N THR C 26 9.28 -2.63 2.37
CA THR C 26 9.00 -3.41 1.16
C THR C 26 9.36 -4.90 1.26
N ASN C 27 10.38 -5.32 2.02
CA ASN C 27 10.67 -6.75 2.08
C ASN C 27 9.45 -7.55 2.56
N GLU C 28 8.75 -7.04 3.58
CA GLU C 28 7.56 -7.67 4.12
C GLU C 28 6.39 -7.57 3.15
N VAL C 29 6.22 -6.43 2.46
CA VAL C 29 5.12 -6.24 1.51
C VAL C 29 5.31 -7.20 0.34
N ILE C 30 6.47 -7.15 -0.33
CA ILE C 30 6.81 -8.02 -1.44
C ILE C 30 6.73 -9.46 -0.97
N LYS C 31 7.51 -9.81 0.07
CA LYS C 31 7.51 -11.16 0.64
C LYS C 31 6.10 -11.75 0.81
N GLU C 32 5.17 -10.99 1.40
CA GLU C 32 3.80 -11.45 1.64
C GLU C 32 2.94 -11.48 0.37
N LEU C 33 2.76 -10.33 -0.28
CA LEU C 33 1.92 -10.24 -1.48
C LEU C 33 2.39 -11.12 -2.63
N SER C 34 3.70 -11.41 -2.73
CA SER C 34 4.23 -12.28 -3.79
C SER C 34 3.78 -13.74 -3.56
N LYS C 35 3.62 -14.14 -2.29
CA LYS C 35 3.18 -15.47 -1.90
C LYS C 35 1.74 -15.72 -2.33
N THR C 36 0.88 -14.74 -2.03
CA THR C 36 -0.55 -14.78 -2.28
C THR C 36 -0.90 -14.44 -3.72
N SER C 37 -0.56 -13.23 -4.18
CA SER C 37 -0.82 -12.72 -5.51
C SER C 37 0.36 -13.00 -6.45
N THR C 38 0.11 -12.92 -7.76
CA THR C 38 1.10 -13.14 -8.81
C THR C 38 2.21 -12.10 -8.70
N TRP C 39 1.84 -10.82 -8.91
CA TRP C 39 2.63 -9.59 -8.86
C TRP C 39 4.10 -9.77 -8.45
N SER C 40 5.01 -9.54 -9.40
CA SER C 40 6.45 -9.64 -9.21
C SER C 40 6.95 -8.49 -8.31
N PRO C 41 8.20 -8.49 -7.83
CA PRO C 41 8.74 -7.43 -7.00
C PRO C 41 8.55 -6.06 -7.66
N LYS C 42 8.89 -5.97 -8.96
CA LYS C 42 8.73 -4.79 -9.78
C LYS C 42 7.28 -4.30 -9.71
N THR C 43 6.32 -5.20 -9.94
CA THR C 43 4.90 -4.91 -9.91
C THR C 43 4.49 -4.39 -8.54
N ILE C 44 4.80 -5.14 -7.47
CA ILE C 44 4.43 -4.77 -6.12
C ILE C 44 4.93 -3.38 -5.77
N GLN C 45 6.24 -3.16 -5.71
CA GLN C 45 6.86 -1.89 -5.36
C GLN C 45 6.24 -0.68 -6.07
N THR C 46 5.74 -0.90 -7.29
CA THR C 46 5.13 0.12 -8.11
C THR C 46 3.64 0.33 -7.86
N MET C 47 2.92 -0.68 -7.35
CA MET C 47 1.52 -0.52 -6.99
C MET C 47 1.43 0.68 -6.04
N LEU C 48 2.31 0.67 -5.02
CA LEU C 48 2.48 1.70 -4.03
C LEU C 48 2.79 3.08 -4.64
N LEU C 49 3.63 3.13 -5.67
CA LEU C 49 4.05 4.36 -6.36
C LEU C 49 2.92 5.34 -6.65
N ARG C 50 1.79 4.88 -7.18
CA ARG C 50 0.66 5.76 -7.47
C ARG C 50 0.00 6.21 -6.18
N LEU C 51 -0.14 5.32 -5.19
CA LEU C 51 -0.65 5.67 -3.86
C LEU C 51 0.22 6.79 -3.27
N ILE C 52 1.53 6.83 -3.57
CA ILE C 52 2.40 7.91 -3.14
C ILE C 52 2.05 9.21 -3.89
N LYS C 53 1.88 9.14 -5.20
CA LYS C 53 1.58 10.28 -6.05
C LYS C 53 0.21 10.91 -5.75
N LYS C 54 -0.84 10.09 -5.63
CA LYS C 54 -2.20 10.54 -5.40
C LYS C 54 -2.53 10.62 -3.90
N GLY C 55 -1.74 9.96 -3.05
CA GLY C 55 -1.83 10.04 -1.60
C GLY C 55 -2.51 8.94 -0.79
N ALA C 56 -2.67 7.67 -1.24
CA ALA C 56 -3.24 6.70 -0.30
C ALA C 56 -2.22 6.37 0.79
N LEU C 57 -0.96 6.10 0.41
CA LEU C 57 0.17 5.75 1.28
C LEU C 57 1.35 6.69 0.94
N ASN C 58 2.34 6.80 1.84
CA ASN C 58 3.54 7.61 1.64
C ASN C 58 4.78 6.89 2.21
N HIS C 59 5.98 7.10 1.63
CA HIS C 59 7.21 6.49 2.11
C HIS C 59 7.95 7.38 3.09
N HIS C 60 8.65 6.73 4.03
CA HIS C 60 9.45 7.37 5.06
C HIS C 60 10.71 6.55 5.33
N LYS C 61 11.88 7.12 5.02
CA LYS C 61 13.19 6.48 5.19
C LYS C 61 13.69 6.64 6.63
N GLU C 62 13.46 5.58 7.40
CA GLU C 62 13.84 5.41 8.79
C GLU C 62 15.27 4.86 8.84
N GLY C 63 16.09 5.40 9.76
CA GLY C 63 17.49 5.05 10.01
C GLY C 63 17.90 3.65 9.55
N ARG C 64 17.11 2.62 9.91
CA ARG C 64 17.33 1.24 9.51
C ARG C 64 17.15 1.15 7.99
N VAL C 65 15.90 0.96 7.52
CA VAL C 65 15.46 0.89 6.17
C VAL C 65 14.09 1.60 6.22
N PHE C 66 13.43 1.85 5.09
CA PHE C 66 12.19 2.60 5.04
C PHE C 66 10.93 1.82 5.39
N VAL C 67 9.94 2.58 5.85
CA VAL C 67 8.64 2.13 6.15
C VAL C 67 7.62 2.97 5.35
N TYR C 68 6.61 2.26 4.84
CA TYR C 68 5.49 2.83 4.09
C TYR C 68 4.36 3.04 5.13
N THR C 69 3.92 4.29 5.25
CA THR C 69 2.92 4.76 6.20
C THR C 69 1.56 4.99 5.54
N PRO C 70 0.49 4.30 5.97
CA PRO C 70 -0.86 4.50 5.45
C PRO C 70 -1.33 5.93 5.74
N ASN C 71 -1.52 6.74 4.69
CA ASN C 71 -1.99 8.12 4.81
C ASN C 71 -3.51 8.17 5.04
N ILE C 72 -4.22 7.06 4.82
CA ILE C 72 -5.67 6.95 5.02
C ILE C 72 -5.95 6.01 6.20
N ASP C 73 -6.91 6.41 7.05
CA ASP C 73 -7.34 5.68 8.23
C ASP C 73 -8.85 5.81 8.33
N GLU C 74 -9.32 7.05 8.49
CA GLU C 74 -10.73 7.39 8.57
C GLU C 74 -11.43 7.03 7.25
N SER C 75 -10.75 7.30 6.13
CA SER C 75 -11.22 7.00 4.78
C SER C 75 -10.49 5.74 4.31
N ASP C 76 -10.64 4.65 5.07
CA ASP C 76 -10.04 3.35 4.81
C ASP C 76 -10.35 2.91 3.38
N TYR C 77 -11.64 2.68 3.10
CA TYR C 77 -12.14 2.28 1.79
C TYR C 77 -13.64 2.57 1.71
N ILE C 78 -14.05 3.26 0.64
CA ILE C 78 -15.42 3.60 0.35
C ILE C 78 -15.85 2.83 -0.90
N GLU C 79 -16.47 1.67 -0.71
CA GLU C 79 -16.93 0.82 -1.80
C GLU C 79 -18.24 1.38 -2.34
N VAL C 80 -18.16 2.11 -3.46
CA VAL C 80 -19.31 2.70 -4.11
C VAL C 80 -20.11 1.61 -4.82
N LYS C 81 -21.33 1.36 -4.33
CA LYS C 81 -22.24 0.34 -4.86
C LYS C 81 -21.68 -1.06 -4.57
N SER C 82 -21.89 -1.52 -3.33
CA SER C 82 -21.44 -2.82 -2.86
C SER C 82 -22.26 -3.92 -3.53
N MET C 1 -14.19 5.10 -3.12
CA MET C 1 -14.42 6.54 -3.30
C MET C 1 -13.47 7.16 -4.33
N LYS C 2 -12.17 6.83 -4.25
CA LYS C 2 -11.13 7.35 -5.14
C LYS C 2 -10.87 8.81 -4.76
N LYS C 3 -10.10 9.00 -3.68
CA LYS C 3 -9.77 10.31 -3.12
C LYS C 3 -8.60 10.96 -3.88
N ILE C 4 -7.56 11.40 -3.16
CA ILE C 4 -6.39 12.05 -3.72
C ILE C 4 -5.68 11.10 -4.71
N PRO C 5 -5.17 9.93 -4.29
CA PRO C 5 -4.52 9.00 -5.20
C PRO C 5 -5.55 8.34 -6.12
N GLN C 6 -5.17 8.14 -7.39
CA GLN C 6 -6.04 7.54 -8.40
C GLN C 6 -6.08 6.02 -8.19
N ILE C 7 -6.97 5.58 -7.29
CA ILE C 7 -7.14 4.19 -6.92
C ILE C 7 -7.98 3.45 -7.94
N SER C 8 -7.54 2.21 -8.21
CA SER C 8 -8.15 1.22 -9.09
C SER C 8 -8.24 -0.07 -8.28
N ASP C 9 -8.54 -1.19 -8.96
CA ASP C 9 -8.60 -2.49 -8.30
C ASP C 9 -7.21 -2.80 -7.73
N ALA C 10 -6.18 -2.70 -8.59
CA ALA C 10 -4.80 -2.96 -8.24
C ALA C 10 -4.30 -2.15 -7.04
N GLU C 11 -4.70 -0.88 -6.93
CA GLU C 11 -4.26 -0.04 -5.83
C GLU C 11 -4.92 -0.49 -4.53
N LEU C 12 -6.23 -0.73 -4.57
CA LEU C 12 -6.99 -1.16 -3.41
C LEU C 12 -6.48 -2.52 -2.91
N GLU C 13 -6.19 -3.45 -3.82
CA GLU C 13 -5.68 -4.78 -3.50
C GLU C 13 -4.44 -4.72 -2.60
N VAL C 14 -3.44 -3.89 -2.93
CA VAL C 14 -2.23 -3.80 -2.12
C VAL C 14 -2.48 -3.11 -0.79
N MET C 15 -3.18 -1.97 -0.80
CA MET C 15 -3.50 -1.19 0.38
C MET C 15 -4.04 -2.05 1.54
N LYS C 16 -4.86 -3.06 1.23
CA LYS C 16 -5.41 -3.98 2.21
C LYS C 16 -4.32 -4.74 2.97
N VAL C 17 -3.27 -5.22 2.29
CA VAL C 17 -2.16 -5.91 2.94
C VAL C 17 -1.41 -4.94 3.85
N ILE C 18 -1.28 -3.69 3.44
CA ILE C 18 -0.60 -2.67 4.20
C ILE C 18 -1.41 -2.34 5.46
N TRP C 19 -2.73 -2.20 5.30
CA TRP C 19 -3.66 -1.92 6.38
C TRP C 19 -3.83 -3.14 7.30
N LYS C 20 -3.58 -4.36 6.80
CA LYS C 20 -3.65 -5.58 7.62
C LYS C 20 -2.54 -5.49 8.67
N HIS C 21 -1.32 -5.16 8.22
CA HIS C 21 -0.15 -4.95 9.06
C HIS C 21 -0.29 -3.59 9.76
N SER C 22 0.48 -3.29 10.83
CA SER C 22 0.36 -1.99 11.50
C SER C 22 0.73 -0.93 10.46
N SER C 23 1.96 -1.04 9.94
CA SER C 23 2.39 -0.35 8.72
C SER C 23 3.01 -1.50 7.91
N ILE C 24 3.95 -1.27 6.97
CA ILE C 24 4.62 -2.39 6.31
C ILE C 24 6.06 -2.04 5.85
N ASN C 25 6.99 -3.00 5.75
CA ASN C 25 8.34 -2.79 5.25
C ASN C 25 8.30 -3.59 3.91
N THR C 26 8.99 -3.15 2.84
CA THR C 26 8.97 -3.84 1.54
C THR C 26 9.07 -5.37 1.59
N ASN C 27 9.79 -5.98 2.54
CA ASN C 27 9.84 -7.45 2.57
C ASN C 27 8.45 -8.03 2.82
N GLU C 28 7.72 -7.50 3.81
CA GLU C 28 6.40 -7.97 4.14
C GLU C 28 5.43 -7.65 3.01
N VAL C 29 5.55 -6.47 2.39
CA VAL C 29 4.69 -6.09 1.28
C VAL C 29 4.90 -7.05 0.11
N ILE C 30 6.13 -7.16 -0.39
CA ILE C 30 6.46 -8.03 -1.51
C ILE C 30 6.12 -9.47 -1.16
N LYS C 31 6.61 -9.96 -0.02
CA LYS C 31 6.32 -11.32 0.47
C LYS C 31 4.83 -11.68 0.37
N GLU C 32 3.93 -10.74 0.70
CA GLU C 32 2.49 -10.95 0.66
C GLU C 32 1.92 -10.80 -0.74
N LEU C 33 2.12 -9.64 -1.39
CA LEU C 33 1.63 -9.28 -2.68
C LEU C 33 2.04 -10.31 -3.75
N SER C 34 3.34 -10.58 -3.88
CA SER C 34 3.86 -11.54 -4.86
C SER C 34 3.27 -12.94 -4.70
N LYS C 35 2.92 -13.32 -3.46
CA LYS C 35 2.35 -14.61 -3.15
C LYS C 35 0.95 -14.73 -3.77
N THR C 36 0.13 -13.69 -3.56
CA THR C 36 -1.24 -13.61 -4.00
C THR C 36 -1.37 -13.26 -5.49
N SER C 37 -0.86 -12.09 -5.89
CA SER C 37 -0.93 -11.58 -7.25
C SER C 37 0.32 -11.95 -8.06
N THR C 38 0.22 -11.85 -9.40
CA THR C 38 1.29 -12.13 -10.33
C THR C 38 2.48 -11.21 -10.04
N TRP C 39 2.26 -9.90 -10.21
CA TRP C 39 3.16 -8.76 -9.97
C TRP C 39 4.51 -9.13 -9.34
N SER C 40 5.59 -8.95 -10.13
CA SER C 40 6.95 -9.22 -9.71
C SER C 40 7.37 -8.22 -8.62
N PRO C 41 8.50 -8.45 -7.92
CA PRO C 41 9.00 -7.55 -6.89
C PRO C 41 9.07 -6.10 -7.38
N LYS C 42 9.44 -5.91 -8.65
CA LYS C 42 9.52 -4.61 -9.30
C LYS C 42 8.14 -3.99 -9.44
N THR C 43 7.18 -4.76 -10.00
CA THR C 43 5.79 -4.37 -10.21
C THR C 43 5.11 -3.95 -8.92
N ILE C 44 5.63 -4.41 -7.77
CA ILE C 44 5.11 -4.08 -6.46
C ILE C 44 5.70 -2.74 -6.01
N GLN C 45 7.02 -2.59 -6.11
CA GLN C 45 7.76 -1.40 -5.74
C GLN C 45 7.34 -0.14 -6.51
N THR C 46 6.95 -0.27 -7.79
CA THR C 46 6.55 0.86 -8.62
C THR C 46 5.24 1.48 -8.16
N MET C 47 4.25 0.66 -7.79
CA MET C 47 2.95 1.14 -7.33
C MET C 47 3.21 2.11 -6.20
N LEU C 48 3.88 1.57 -5.18
CA LEU C 48 4.29 2.21 -3.95
C LEU C 48 5.08 3.49 -4.24
N LEU C 49 5.96 3.47 -5.25
CA LEU C 49 6.74 4.63 -5.65
C LEU C 49 5.83 5.76 -6.13
N ARG C 50 4.89 5.48 -7.02
CA ARG C 50 3.98 6.51 -7.54
C ARG C 50 2.98 6.95 -6.49
N LEU C 51 2.48 6.03 -5.67
CA LEU C 51 1.64 6.32 -4.55
C LEU C 51 2.38 7.38 -3.71
N ILE C 52 3.66 7.15 -3.40
CA ILE C 52 4.46 8.11 -2.64
C ILE C 52 4.64 9.43 -3.40
N LYS C 53 4.82 9.40 -4.72
CA LYS C 53 4.98 10.61 -5.52
C LYS C 53 3.72 11.48 -5.49
N LYS C 54 2.55 10.85 -5.70
CA LYS C 54 1.26 11.52 -5.73
C LYS C 54 0.64 11.73 -4.35
N GLY C 55 1.18 11.06 -3.30
CA GLY C 55 0.75 11.20 -1.92
C GLY C 55 -0.07 10.09 -1.29
N ALA C 56 -0.29 8.91 -1.91
CA ALA C 56 -1.00 7.85 -1.21
C ALA C 56 -0.26 7.46 0.10
N LEU C 57 1.02 7.11 0.00
CA LEU C 57 1.90 6.62 1.06
C LEU C 57 3.12 7.53 1.26
N ASN C 58 3.86 7.34 2.36
CA ASN C 58 5.11 8.04 2.66
C ASN C 58 6.12 7.07 3.31
N HIS C 59 7.36 6.96 2.78
CA HIS C 59 8.37 6.07 3.35
C HIS C 59 9.31 6.78 4.33
N HIS C 60 9.72 6.03 5.37
CA HIS C 60 10.69 6.52 6.35
C HIS C 60 11.55 5.36 6.84
N LYS C 61 12.88 5.55 6.89
CA LYS C 61 13.82 4.52 7.31
C LYS C 61 13.85 4.53 8.84
N GLU C 62 13.08 3.58 9.40
CA GLU C 62 12.85 3.41 10.82
C GLU C 62 13.93 2.54 11.48
N GLY C 63 15.08 3.17 11.79
CA GLY C 63 16.20 2.53 12.46
C GLY C 63 16.82 1.40 11.64
N ARG C 64 16.24 0.19 11.75
CA ARG C 64 16.70 -0.99 11.05
C ARG C 64 16.52 -0.80 9.55
N VAL C 65 15.29 -0.97 9.02
CA VAL C 65 14.91 -0.81 7.65
C VAL C 65 13.61 0.00 7.72
N PHE C 66 13.08 0.40 6.56
CA PHE C 66 11.96 1.31 6.43
C PHE C 66 10.56 0.74 6.59
N VAL C 67 9.69 1.68 6.99
CA VAL C 67 8.29 1.47 7.12
C VAL C 67 7.54 2.44 6.19
N TYR C 68 6.55 1.87 5.50
CA TYR C 68 5.63 2.59 4.59
C TYR C 68 4.41 2.93 5.45
N THR C 69 4.03 4.21 5.45
CA THR C 69 2.92 4.72 6.23
C THR C 69 1.77 5.23 5.34
N PRO C 70 0.58 4.61 5.41
CA PRO C 70 -0.60 5.01 4.66
C PRO C 70 -1.03 6.42 5.04
N ASN C 71 -0.78 7.40 4.15
CA ASN C 71 -1.14 8.80 4.36
C ASN C 71 -2.64 9.04 4.15
N ILE C 72 -3.37 8.04 3.62
CA ILE C 72 -4.81 8.11 3.35
C ILE C 72 -5.58 7.15 4.26
N ASP C 73 -6.90 7.38 4.39
CA ASP C 73 -7.80 6.60 5.21
C ASP C 73 -8.31 5.37 4.44
N GLU C 74 -8.82 4.38 5.18
CA GLU C 74 -9.38 3.13 4.67
C GLU C 74 -10.88 3.02 4.94
N SER C 75 -11.34 3.57 6.07
CA SER C 75 -12.75 3.54 6.47
C SER C 75 -13.64 4.18 5.41
N ASP C 76 -13.18 5.27 4.80
CA ASP C 76 -13.91 6.01 3.77
C ASP C 76 -14.08 5.15 2.52
N TYR C 77 -12.99 4.54 2.03
CA TYR C 77 -13.02 3.70 0.82
C TYR C 77 -13.76 2.41 1.13
N ILE C 78 -13.17 1.59 2.03
CA ILE C 78 -13.71 0.33 2.47
C ILE C 78 -14.64 0.65 3.65
N GLU C 79 -15.94 0.80 3.35
CA GLU C 79 -16.96 1.13 4.33
C GLU C 79 -17.33 -0.14 5.11
N VAL C 80 -16.77 -0.28 6.31
CA VAL C 80 -17.00 -1.41 7.19
C VAL C 80 -18.39 -1.32 7.83
N LYS C 81 -19.00 -2.48 8.10
CA LYS C 81 -20.31 -2.59 8.71
C LYS C 81 -20.50 -3.93 9.44
N SER C 82 -19.91 -5.01 8.90
CA SER C 82 -19.98 -6.37 9.44
C SER C 82 -21.42 -6.89 9.35
N MET C 1 -5.28 18.09 3.19
CA MET C 1 -5.91 16.82 3.60
C MET C 1 -6.63 16.17 2.42
N LYS C 2 -5.94 15.25 1.73
CA LYS C 2 -6.49 14.54 0.58
C LYS C 2 -7.32 13.36 1.07
N LYS C 3 -6.65 12.33 1.57
CA LYS C 3 -7.25 11.10 2.10
C LYS C 3 -8.19 10.46 1.08
N ILE C 4 -7.76 10.44 -0.20
CA ILE C 4 -8.50 9.86 -1.31
C ILE C 4 -7.53 9.36 -2.39
N PRO C 5 -6.62 8.43 -2.05
CA PRO C 5 -5.65 7.88 -3.00
C PRO C 5 -6.33 7.04 -4.07
N GLN C 6 -5.65 6.88 -5.21
CA GLN C 6 -6.13 6.10 -6.34
C GLN C 6 -6.08 4.61 -5.98
N ILE C 7 -7.25 4.04 -5.69
CA ILE C 7 -7.43 2.65 -5.30
C ILE C 7 -8.38 1.97 -6.30
N SER C 8 -8.20 0.65 -6.47
CA SER C 8 -8.96 -0.23 -7.34
C SER C 8 -9.08 -1.58 -6.63
N ASP C 9 -9.72 -2.56 -7.28
CA ASP C 9 -9.86 -3.90 -6.73
C ASP C 9 -8.48 -4.53 -6.56
N ALA C 10 -7.63 -4.40 -7.59
CA ALA C 10 -6.27 -4.92 -7.60
C ALA C 10 -5.40 -4.27 -6.52
N GLU C 11 -5.54 -2.95 -6.33
CA GLU C 11 -4.77 -2.21 -5.33
C GLU C 11 -5.30 -2.50 -3.92
N LEU C 12 -6.59 -2.86 -3.79
CA LEU C 12 -7.15 -3.21 -2.49
C LEU C 12 -6.49 -4.50 -2.00
N GLU C 13 -6.18 -5.44 -2.91
CA GLU C 13 -5.51 -6.69 -2.58
C GLU C 13 -4.17 -6.42 -1.90
N VAL C 14 -3.43 -5.41 -2.37
CA VAL C 14 -2.13 -5.06 -1.83
C VAL C 14 -2.29 -4.32 -0.51
N MET C 15 -3.25 -3.40 -0.43
CA MET C 15 -3.56 -2.64 0.77
C MET C 15 -3.91 -3.59 1.92
N LYS C 16 -4.60 -4.70 1.60
CA LYS C 16 -4.99 -5.72 2.54
C LYS C 16 -3.75 -6.30 3.23
N VAL C 17 -2.70 -6.60 2.45
CA VAL C 17 -1.44 -7.11 2.96
C VAL C 17 -0.79 -6.09 3.90
N ILE C 18 -0.87 -4.79 3.56
CA ILE C 18 -0.30 -3.74 4.38
C ILE C 18 -1.00 -3.72 5.74
N TRP C 19 -2.33 -3.71 5.75
CA TRP C 19 -3.13 -3.70 6.98
C TRP C 19 -3.00 -5.02 7.76
N LYS C 20 -2.67 -6.13 7.10
CA LYS C 20 -2.45 -7.41 7.76
C LYS C 20 -1.23 -7.29 8.69
N HIS C 21 -0.15 -6.71 8.15
CA HIS C 21 1.10 -6.45 8.87
C HIS C 21 0.91 -5.24 9.80
N SER C 22 1.73 -5.07 10.85
CA SER C 22 1.59 -3.93 11.77
C SER C 22 1.76 -2.67 10.94
N SER C 23 2.93 -2.55 10.29
CA SER C 23 3.14 -1.60 9.21
C SER C 23 3.72 -2.49 8.11
N ILE C 24 4.51 -1.97 7.16
CA ILE C 24 5.22 -2.81 6.19
C ILE C 24 6.50 -2.12 5.74
N ASN C 25 7.56 -2.85 5.32
CA ASN C 25 8.75 -2.28 4.77
C ASN C 25 8.60 -2.62 3.29
N THR C 26 9.04 -1.69 2.45
CA THR C 26 9.03 -1.70 1.00
C THR C 26 9.42 -3.08 0.41
N ASN C 27 10.35 -3.85 1.03
CA ASN C 27 10.65 -5.20 0.54
C ASN C 27 9.46 -6.11 0.82
N GLU C 28 9.03 -6.23 2.08
CA GLU C 28 7.91 -7.07 2.48
C GLU C 28 6.69 -6.77 1.63
N VAL C 29 6.50 -5.51 1.21
CA VAL C 29 5.41 -5.13 0.33
C VAL C 29 5.57 -5.91 -0.97
N ILE C 30 6.69 -5.75 -1.69
CA ILE C 30 6.93 -6.46 -2.95
C ILE C 30 6.89 -7.97 -2.73
N LYS C 31 7.66 -8.48 -1.76
CA LYS C 31 7.72 -9.90 -1.42
C LYS C 31 6.34 -10.56 -1.30
N GLU C 32 5.42 -9.99 -0.50
CA GLU C 32 4.08 -10.55 -0.30
C GLU C 32 3.24 -10.50 -1.58
N LEU C 33 3.08 -9.29 -2.14
CA LEU C 33 2.32 -9.00 -3.32
C LEU C 33 2.74 -9.88 -4.51
N SER C 34 4.05 -10.11 -4.68
CA SER C 34 4.59 -10.91 -5.77
C SER C 34 4.26 -12.40 -5.63
N LYS C 35 4.23 -12.91 -4.39
CA LYS C 35 3.91 -14.30 -4.11
C LYS C 35 2.42 -14.58 -4.34
N THR C 36 1.57 -13.69 -3.82
CA THR C 36 0.13 -13.81 -3.90
C THR C 36 -0.38 -13.55 -5.32
N SER C 37 -0.18 -12.34 -5.84
CA SER C 37 -0.62 -11.90 -7.16
C SER C 37 0.47 -12.10 -8.21
N THR C 38 0.08 -12.08 -9.49
CA THR C 38 0.96 -12.23 -10.64
C THR C 38 1.91 -11.02 -10.73
N TRP C 39 1.72 -10.09 -11.68
CA TRP C 39 2.52 -8.89 -11.79
C TRP C 39 4.01 -9.22 -11.91
N SER C 40 4.85 -8.56 -11.10
CA SER C 40 6.30 -8.71 -11.05
C SER C 40 6.81 -7.69 -10.02
N PRO C 41 7.99 -7.88 -9.41
CA PRO C 41 8.57 -6.92 -8.47
C PRO C 41 8.58 -5.50 -9.02
N LYS C 42 8.81 -5.37 -10.34
CA LYS C 42 8.83 -4.09 -11.05
C LYS C 42 7.41 -3.58 -11.31
N THR C 43 6.45 -4.47 -11.59
CA THR C 43 5.06 -4.11 -11.84
C THR C 43 4.43 -3.50 -10.59
N ILE C 44 4.58 -4.18 -9.45
CA ILE C 44 4.07 -3.77 -8.15
C ILE C 44 4.34 -2.30 -7.86
N GLN C 45 5.52 -1.82 -8.24
CA GLN C 45 5.95 -0.44 -8.06
C GLN C 45 4.96 0.60 -8.59
N THR C 46 4.28 0.34 -9.72
CA THR C 46 3.32 1.30 -10.25
C THR C 46 2.08 1.42 -9.37
N MET C 47 1.55 0.29 -8.88
CA MET C 47 0.39 0.28 -8.00
C MET C 47 0.72 1.13 -6.78
N LEU C 48 1.91 0.91 -6.22
CA LEU C 48 2.42 1.69 -5.10
C LEU C 48 2.56 3.15 -5.53
N LEU C 49 2.96 3.43 -6.78
CA LEU C 49 3.13 4.78 -7.29
C LEU C 49 1.79 5.49 -7.58
N ARG C 50 0.71 4.77 -7.93
CA ARG C 50 -0.58 5.42 -8.12
C ARG C 50 -0.97 6.10 -6.79
N LEU C 51 -0.76 5.36 -5.71
CA LEU C 51 -0.95 5.71 -4.33
C LEU C 51 0.03 6.82 -3.92
N ILE C 52 1.32 6.49 -3.92
CA ILE C 52 2.44 7.36 -3.53
C ILE C 52 2.54 8.62 -4.38
N LYS C 53 1.93 8.64 -5.57
CA LYS C 53 1.86 9.80 -6.44
C LYS C 53 1.26 10.96 -5.64
N LYS C 54 0.25 10.64 -4.81
CA LYS C 54 -0.41 11.56 -3.91
C LYS C 54 0.02 11.33 -2.45
N GLY C 55 0.86 10.32 -2.17
CA GLY C 55 1.33 10.08 -0.80
C GLY C 55 0.47 9.08 -0.04
N ALA C 56 -0.13 8.08 -0.70
CA ALA C 56 -1.10 7.19 -0.03
C ALA C 56 -0.62 6.64 1.31
N LEU C 57 0.65 6.20 1.38
CA LEU C 57 1.26 5.69 2.61
C LEU C 57 2.27 6.74 3.05
N ASN C 58 2.54 6.80 4.36
CA ASN C 58 3.47 7.75 4.93
C ASN C 58 4.85 7.08 4.93
N HIS C 59 5.82 7.82 4.40
CA HIS C 59 7.20 7.39 4.22
C HIS C 59 8.03 7.85 5.41
N HIS C 60 8.77 6.91 6.02
CA HIS C 60 9.60 7.22 7.17
C HIS C 60 10.87 6.37 7.13
N LYS C 61 12.00 7.03 6.89
CA LYS C 61 13.32 6.43 6.82
C LYS C 61 13.80 6.23 8.26
N GLU C 62 13.48 5.01 8.69
CA GLU C 62 13.76 4.50 10.02
C GLU C 62 15.02 3.64 10.03
N GLY C 63 15.85 3.82 11.06
CA GLY C 63 17.11 3.14 11.36
C GLY C 63 17.72 2.34 10.22
N ARG C 64 17.16 1.15 9.97
CA ARG C 64 17.62 0.26 8.91
C ARG C 64 17.29 0.83 7.52
N VAL C 65 16.05 0.64 7.04
CA VAL C 65 15.58 1.07 5.75
C VAL C 65 14.19 1.70 6.01
N PHE C 66 13.57 2.41 5.05
CA PHE C 66 12.34 3.14 5.38
C PHE C 66 11.08 2.25 5.37
N VAL C 67 10.17 2.59 6.29
CA VAL C 67 8.91 1.92 6.58
C VAL C 67 7.72 2.69 6.00
N TYR C 68 6.75 1.94 5.44
CA TYR C 68 5.49 2.44 4.91
C TYR C 68 4.46 2.25 6.02
N THR C 69 3.69 3.30 6.32
CA THR C 69 2.68 3.28 7.37
C THR C 69 1.36 3.85 6.82
N PRO C 70 0.24 3.12 6.91
CA PRO C 70 -1.08 3.55 6.44
C PRO C 70 -1.48 4.94 6.90
N ASN C 71 -1.26 5.93 6.01
CA ASN C 71 -1.63 7.32 6.25
C ASN C 71 -3.15 7.49 6.11
N ILE C 72 -3.82 6.51 5.47
CA ILE C 72 -5.26 6.46 5.23
C ILE C 72 -5.89 5.33 6.04
N ASP C 73 -7.21 5.41 6.24
CA ASP C 73 -7.99 4.45 7.02
C ASP C 73 -8.23 3.16 6.24
N GLU C 74 -8.60 2.10 6.97
CA GLU C 74 -8.92 0.79 6.40
C GLU C 74 -10.14 0.91 5.51
N SER C 75 -11.19 1.56 6.03
CA SER C 75 -12.45 1.78 5.33
C SER C 75 -12.41 3.07 4.51
N ASP C 76 -11.22 3.57 4.14
CA ASP C 76 -11.06 4.75 3.32
C ASP C 76 -11.59 4.48 1.90
N TYR C 77 -11.37 3.26 1.42
CA TYR C 77 -11.81 2.80 0.11
C TYR C 77 -13.21 2.21 0.22
N ILE C 78 -13.36 1.14 1.01
CA ILE C 78 -14.62 0.44 1.23
C ILE C 78 -15.38 1.18 2.33
N GLU C 79 -16.45 1.91 1.96
CA GLU C 79 -17.25 2.66 2.90
C GLU C 79 -18.15 1.70 3.69
N VAL C 80 -17.72 1.39 4.92
CA VAL C 80 -18.44 0.50 5.82
C VAL C 80 -19.64 1.22 6.44
N LYS C 81 -20.77 0.50 6.53
CA LYS C 81 -22.01 1.00 7.11
C LYS C 81 -22.01 0.72 8.61
N SER C 82 -21.77 -0.55 8.96
CA SER C 82 -21.71 -1.02 10.33
C SER C 82 -20.77 -2.23 10.41
N MET C 1 -14.84 17.12 -5.28
CA MET C 1 -13.41 17.47 -5.41
C MET C 1 -12.69 17.26 -4.08
N LYS C 2 -12.38 15.99 -3.77
CA LYS C 2 -11.70 15.56 -2.56
C LYS C 2 -10.65 14.52 -2.90
N LYS C 3 -9.65 14.36 -2.01
CA LYS C 3 -8.56 13.41 -2.17
C LYS C 3 -9.09 12.02 -1.82
N ILE C 4 -9.59 11.30 -2.85
CA ILE C 4 -10.14 9.96 -2.74
C ILE C 4 -9.44 9.10 -3.80
N PRO C 5 -8.33 8.41 -3.46
CA PRO C 5 -7.58 7.57 -4.37
C PRO C 5 -8.44 6.47 -5.02
N GLN C 6 -8.10 6.13 -6.27
CA GLN C 6 -8.81 5.11 -7.04
C GLN C 6 -8.27 3.74 -6.64
N ILE C 7 -8.95 3.10 -5.68
CA ILE C 7 -8.61 1.78 -5.17
C ILE C 7 -9.17 0.72 -6.13
N SER C 8 -8.38 -0.33 -6.31
CA SER C 8 -8.69 -1.50 -7.13
C SER C 8 -8.57 -2.73 -6.22
N ASP C 9 -8.89 -3.91 -6.75
CA ASP C 9 -8.77 -5.15 -5.99
C ASP C 9 -7.30 -5.34 -5.60
N ALA C 10 -6.40 -5.19 -6.57
CA ALA C 10 -4.96 -5.31 -6.37
C ALA C 10 -4.48 -4.31 -5.32
N GLU C 11 -5.04 -3.09 -5.32
CA GLU C 11 -4.67 -2.07 -4.36
C GLU C 11 -5.13 -2.51 -2.99
N LEU C 12 -6.45 -2.71 -2.82
CA LEU C 12 -7.08 -3.13 -1.59
C LEU C 12 -6.39 -4.34 -0.97
N GLU C 13 -5.94 -5.32 -1.77
CA GLU C 13 -5.25 -6.50 -1.25
C GLU C 13 -3.94 -6.09 -0.56
N VAL C 14 -3.13 -5.24 -1.19
CA VAL C 14 -1.88 -4.73 -0.65
C VAL C 14 -2.18 -3.81 0.53
N MET C 15 -2.98 -2.76 0.30
CA MET C 15 -3.37 -1.77 1.28
C MET C 15 -3.85 -2.42 2.58
N LYS C 16 -4.65 -3.49 2.48
CA LYS C 16 -5.16 -4.27 3.60
C LYS C 16 -4.00 -4.93 4.35
N VAL C 17 -3.02 -5.48 3.62
CA VAL C 17 -1.84 -6.08 4.22
C VAL C 17 -1.02 -4.99 4.92
N ILE C 18 -0.96 -3.78 4.36
CA ILE C 18 -0.26 -2.65 4.98
C ILE C 18 -1.02 -2.22 6.23
N TRP C 19 -2.35 -2.16 6.14
CA TRP C 19 -3.27 -1.79 7.18
C TRP C 19 -3.27 -2.82 8.31
N LYS C 20 -2.91 -4.08 8.03
CA LYS C 20 -2.79 -5.12 9.03
C LYS C 20 -1.59 -4.79 9.93
N HIS C 21 -0.45 -4.46 9.31
CA HIS C 21 0.78 -4.05 9.99
C HIS C 21 0.55 -2.61 10.54
N SER C 22 1.38 -2.09 11.47
CA SER C 22 1.16 -0.73 11.95
C SER C 22 1.39 0.18 10.75
N SER C 23 2.60 0.14 10.19
CA SER C 23 2.86 0.61 8.84
C SER C 23 3.64 -0.54 8.20
N ILE C 24 4.47 -0.34 7.16
CA ILE C 24 5.31 -1.43 6.64
C ILE C 24 6.61 -0.91 6.00
N ASN C 25 7.74 -1.64 5.96
CA ASN C 25 8.92 -1.22 5.21
C ASN C 25 8.84 -2.03 3.90
N THR C 26 9.78 -1.84 2.97
CA THR C 26 9.73 -2.45 1.66
C THR C 26 9.80 -3.97 1.69
N ASN C 27 10.84 -4.59 2.27
CA ASN C 27 10.88 -6.04 2.21
C ASN C 27 9.80 -6.73 3.05
N GLU C 28 9.16 -6.04 3.98
CA GLU C 28 8.06 -6.62 4.73
C GLU C 28 6.85 -6.73 3.80
N VAL C 29 6.61 -5.66 3.02
CA VAL C 29 5.50 -5.61 2.08
C VAL C 29 5.78 -6.56 0.91
N ILE C 30 6.92 -6.42 0.23
CA ILE C 30 7.30 -7.31 -0.86
C ILE C 30 7.26 -8.76 -0.39
N LYS C 31 7.98 -9.08 0.70
CA LYS C 31 8.00 -10.43 1.25
C LYS C 31 6.58 -10.99 1.46
N GLU C 32 5.68 -10.23 2.09
CA GLU C 32 4.32 -10.66 2.39
C GLU C 32 3.45 -10.80 1.15
N LEU C 33 3.31 -9.74 0.35
CA LEU C 33 2.50 -9.72 -0.87
C LEU C 33 2.87 -10.88 -1.80
N SER C 34 4.18 -11.17 -1.96
CA SER C 34 4.66 -12.23 -2.82
C SER C 34 4.15 -13.63 -2.41
N LYS C 35 3.89 -13.85 -1.11
CA LYS C 35 3.37 -15.12 -0.62
C LYS C 35 1.91 -15.29 -1.01
N THR C 36 1.11 -14.26 -0.74
CA THR C 36 -0.33 -14.23 -1.00
C THR C 36 -0.62 -14.16 -2.51
N SER C 37 -0.23 -13.06 -3.14
CA SER C 37 -0.42 -12.78 -4.55
C SER C 37 0.78 -13.22 -5.38
N THR C 38 0.58 -13.36 -6.69
CA THR C 38 1.61 -13.77 -7.64
C THR C 38 2.79 -12.79 -7.60
N TRP C 39 2.55 -11.55 -8.05
CA TRP C 39 3.45 -10.40 -8.10
C TRP C 39 4.85 -10.59 -7.50
N SER C 40 5.87 -10.55 -8.37
CA SER C 40 7.28 -10.66 -7.99
C SER C 40 7.75 -9.32 -7.38
N PRO C 41 8.99 -9.21 -6.88
CA PRO C 41 9.51 -7.97 -6.31
C PRO C 41 9.35 -6.77 -7.23
N LYS C 42 9.62 -6.96 -8.53
CA LYS C 42 9.48 -5.92 -9.54
C LYS C 42 8.01 -5.50 -9.65
N THR C 43 7.13 -6.49 -9.86
CA THR C 43 5.69 -6.34 -10.01
C THR C 43 5.02 -5.49 -8.91
N ILE C 44 5.52 -5.61 -7.67
CA ILE C 44 4.97 -4.92 -6.51
C ILE C 44 5.38 -3.45 -6.45
N GLN C 45 6.66 -3.18 -6.71
CA GLN C 45 7.27 -1.85 -6.66
C GLN C 45 6.52 -0.75 -7.42
N THR C 46 5.75 -1.07 -8.47
CA THR C 46 4.99 -0.05 -9.21
C THR C 46 3.87 0.53 -8.37
N MET C 47 3.10 -0.34 -7.71
CA MET C 47 1.95 0.04 -6.92
C MET C 47 2.39 1.10 -5.93
N LEU C 48 3.35 0.75 -5.08
CA LEU C 48 3.94 1.64 -4.09
C LEU C 48 4.30 2.99 -4.71
N LEU C 49 5.14 2.98 -5.75
CA LEU C 49 5.60 4.16 -6.47
C LEU C 49 4.45 5.02 -6.98
N ARG C 50 3.37 4.41 -7.48
CA ARG C 50 2.23 5.09 -8.01
C ARG C 50 1.36 5.63 -6.87
N LEU C 51 1.18 4.85 -5.80
CA LEU C 51 0.39 5.25 -4.63
C LEU C 51 1.04 6.47 -3.97
N ILE C 52 2.37 6.56 -4.01
CA ILE C 52 3.12 7.69 -3.51
C ILE C 52 2.84 8.94 -4.36
N LYS C 53 2.70 8.77 -5.67
CA LYS C 53 2.40 9.86 -6.60
C LYS C 53 0.92 10.29 -6.51
N LYS C 54 0.01 9.31 -6.49
CA LYS C 54 -1.44 9.54 -6.43
C LYS C 54 -1.90 9.89 -5.00
N GLY C 55 -1.08 9.58 -4.00
CA GLY C 55 -1.33 9.92 -2.61
C GLY C 55 -2.03 8.86 -1.75
N ALA C 56 -2.16 7.59 -2.15
CA ALA C 56 -2.78 6.60 -1.26
C ALA C 56 -1.82 6.24 -0.11
N LEU C 57 -0.51 6.21 -0.37
CA LEU C 57 0.54 5.94 0.60
C LEU C 57 1.64 7.00 0.47
N ASN C 58 2.52 7.12 1.48
CA ASN C 58 3.65 8.03 1.47
C ASN C 58 4.89 7.38 2.12
N HIS C 59 6.09 7.52 1.53
CA HIS C 59 7.33 6.95 2.07
C HIS C 59 8.08 7.94 2.94
N HIS C 60 8.71 7.45 4.03
CA HIS C 60 9.48 8.27 4.96
C HIS C 60 10.66 7.49 5.52
N LYS C 61 11.87 8.09 5.55
CA LYS C 61 13.08 7.45 6.05
C LYS C 61 13.14 7.59 7.57
N GLU C 62 13.17 6.44 8.25
CA GLU C 62 13.19 6.30 9.70
C GLU C 62 14.37 5.41 10.12
N GLY C 63 15.57 5.99 10.13
CA GLY C 63 16.84 5.37 10.50
C GLY C 63 17.03 3.93 10.03
N ARG C 64 16.52 2.98 10.83
CA ARG C 64 16.61 1.55 10.62
C ARG C 64 16.14 1.10 9.23
N VAL C 65 14.93 1.50 8.84
CA VAL C 65 14.28 1.20 7.61
C VAL C 65 13.33 2.37 7.40
N PHE C 66 13.07 2.69 6.14
CA PHE C 66 12.09 3.69 5.77
C PHE C 66 10.78 2.95 5.84
N VAL C 67 9.70 3.68 6.10
CA VAL C 67 8.41 3.06 6.22
C VAL C 67 7.40 3.71 5.28
N TYR C 68 6.60 2.85 4.66
CA TYR C 68 5.51 3.31 3.81
C TYR C 68 4.34 3.34 4.79
N THR C 69 3.77 4.54 4.94
CA THR C 69 2.67 4.83 5.85
C THR C 69 1.43 5.17 5.02
N PRO C 70 0.25 4.63 5.38
CA PRO C 70 -0.97 4.88 4.65
C PRO C 70 -1.49 6.29 4.91
N ASN C 71 -1.54 7.08 3.83
CA ASN C 71 -2.01 8.45 3.79
C ASN C 71 -3.49 8.54 4.17
N ILE C 72 -4.23 7.47 3.89
CA ILE C 72 -5.67 7.34 4.11
C ILE C 72 -5.89 6.29 5.20
N ASP C 73 -6.47 6.75 6.32
CA ASP C 73 -6.78 5.96 7.51
C ASP C 73 -8.22 6.23 7.94
N GLU C 74 -8.63 7.50 7.87
CA GLU C 74 -9.99 7.93 8.20
C GLU C 74 -10.93 7.30 7.17
N SER C 75 -10.59 7.46 5.89
CA SER C 75 -11.32 6.90 4.76
C SER C 75 -11.08 5.40 4.71
N ASP C 76 -9.81 4.99 4.51
CA ASP C 76 -9.37 3.60 4.42
C ASP C 76 -10.25 2.85 3.42
N TYR C 77 -10.22 3.31 2.17
CA TYR C 77 -10.98 2.81 1.03
C TYR C 77 -12.49 2.96 1.23
N ILE C 78 -13.11 3.78 0.36
CA ILE C 78 -14.54 4.04 0.38
C ILE C 78 -15.22 3.00 -0.51
N GLU C 79 -15.74 1.94 0.11
CA GLU C 79 -16.44 0.86 -0.57
C GLU C 79 -17.82 1.35 -0.99
N VAL C 80 -18.12 1.30 -2.29
CA VAL C 80 -19.41 1.71 -2.85
C VAL C 80 -20.45 0.64 -2.53
N LYS C 81 -21.65 1.07 -2.14
CA LYS C 81 -22.77 0.20 -1.77
C LYS C 81 -24.06 0.77 -2.37
N SER C 82 -24.41 2.00 -1.97
CA SER C 82 -25.61 2.69 -2.45
C SER C 82 -25.42 3.10 -3.92
N MET C 1 -4.86 14.30 1.40
CA MET C 1 -5.23 15.33 0.41
C MET C 1 -6.64 15.11 -0.14
N LYS C 2 -7.12 16.08 -0.94
CA LYS C 2 -8.43 16.04 -1.56
C LYS C 2 -8.36 15.17 -2.82
N LYS C 3 -8.24 13.85 -2.61
CA LYS C 3 -8.14 12.87 -3.67
C LYS C 3 -8.43 11.48 -3.08
N ILE C 4 -9.54 10.87 -3.49
CA ILE C 4 -9.97 9.54 -3.07
C ILE C 4 -9.28 8.51 -3.96
N PRO C 5 -8.44 7.60 -3.42
CA PRO C 5 -7.77 6.58 -4.22
C PRO C 5 -8.74 5.67 -4.97
N GLN C 6 -8.49 5.45 -6.27
CA GLN C 6 -9.31 4.60 -7.11
C GLN C 6 -8.96 3.14 -6.83
N ILE C 7 -9.54 2.62 -5.74
CA ILE C 7 -9.31 1.27 -5.26
C ILE C 7 -10.12 0.24 -6.04
N SER C 8 -9.47 -0.93 -6.20
CA SER C 8 -9.96 -2.13 -6.85
C SER C 8 -9.59 -3.30 -5.94
N ASP C 9 -9.74 -4.54 -6.42
CA ASP C 9 -9.37 -5.72 -5.65
C ASP C 9 -7.87 -5.67 -5.36
N ALA C 10 -7.06 -5.38 -6.39
CA ALA C 10 -5.62 -5.30 -6.30
C ALA C 10 -5.13 -4.24 -5.32
N GLU C 11 -5.73 -3.03 -5.33
CA GLU C 11 -5.28 -1.99 -4.43
C GLU C 11 -5.52 -2.39 -2.97
N LEU C 12 -6.77 -2.78 -2.67
CA LEU C 12 -7.20 -3.15 -1.33
C LEU C 12 -6.44 -4.38 -0.81
N GLU C 13 -6.19 -5.39 -1.66
CA GLU C 13 -5.48 -6.61 -1.27
C GLU C 13 -4.13 -6.29 -0.61
N VAL C 14 -3.46 -5.24 -1.09
CA VAL C 14 -2.20 -4.77 -0.55
C VAL C 14 -2.45 -4.12 0.80
N MET C 15 -3.29 -3.07 0.81
CA MET C 15 -3.64 -2.29 1.99
C MET C 15 -3.96 -3.18 3.18
N LYS C 16 -4.74 -4.23 2.90
CA LYS C 16 -5.16 -5.25 3.84
C LYS C 16 -3.96 -5.78 4.63
N VAL C 17 -2.86 -6.16 3.96
CA VAL C 17 -1.67 -6.67 4.64
C VAL C 17 -0.99 -5.55 5.43
N ILE C 18 -0.80 -4.39 4.79
CA ILE C 18 -0.14 -3.23 5.37
C ILE C 18 -0.81 -2.77 6.66
N TRP C 19 -2.16 -2.78 6.69
CA TRP C 19 -2.92 -2.36 7.86
C TRP C 19 -2.72 -3.28 9.07
N LYS C 20 -2.32 -4.54 8.87
CA LYS C 20 -2.02 -5.45 9.98
C LYS C 20 -0.74 -4.97 10.68
N HIS C 21 0.28 -4.68 9.86
CA HIS C 21 1.59 -4.19 10.28
C HIS C 21 1.47 -2.74 10.78
N SER C 22 2.35 -2.26 11.68
CA SER C 22 2.28 -0.89 12.19
C SER C 22 2.41 0.05 11.00
N SER C 23 3.53 -0.08 10.28
CA SER C 23 3.71 0.46 8.94
C SER C 23 4.21 -0.78 8.19
N ILE C 24 4.96 -0.67 7.08
CA ILE C 24 5.55 -1.87 6.49
C ILE C 24 6.86 -1.56 5.75
N ASN C 25 7.91 -2.39 5.87
CA ASN C 25 9.13 -2.23 5.14
C ASN C 25 8.90 -3.20 3.97
N THR C 26 9.20 -2.76 2.75
CA THR C 26 8.99 -3.47 1.50
C THR C 26 9.37 -4.95 1.56
N ASN C 27 10.38 -5.36 2.36
CA ASN C 27 10.68 -6.78 2.44
C ASN C 27 9.47 -7.58 2.93
N GLU C 28 8.75 -7.05 3.93
CA GLU C 28 7.56 -7.69 4.48
C GLU C 28 6.38 -7.61 3.50
N VAL C 29 6.24 -6.51 2.75
CA VAL C 29 5.15 -6.34 1.79
C VAL C 29 5.34 -7.34 0.64
N ILE C 30 6.51 -7.32 -0.01
CA ILE C 30 6.87 -8.24 -1.08
C ILE C 30 6.83 -9.66 -0.55
N LYS C 31 7.53 -9.92 0.56
CA LYS C 31 7.54 -11.24 1.19
C LYS C 31 6.12 -11.83 1.32
N GLU C 32 5.13 -11.02 1.70
CA GLU C 32 3.76 -11.48 1.88
C GLU C 32 2.96 -11.53 0.56
N LEU C 33 2.78 -10.38 -0.10
CA LEU C 33 2.00 -10.27 -1.33
C LEU C 33 2.53 -11.11 -2.48
N SER C 34 3.85 -11.22 -2.67
CA SER C 34 4.42 -11.98 -3.78
C SER C 34 4.15 -13.48 -3.67
N LYS C 35 3.99 -14.00 -2.44
CA LYS C 35 3.70 -15.41 -2.21
C LYS C 35 2.23 -15.70 -2.48
N THR C 36 1.34 -14.87 -1.94
CA THR C 36 -0.11 -15.01 -2.05
C THR C 36 -0.58 -14.69 -3.48
N SER C 37 -0.27 -13.48 -3.98
CA SER C 37 -0.63 -13.01 -5.30
C SER C 37 0.50 -13.32 -6.30
N THR C 38 0.17 -13.28 -7.60
CA THR C 38 1.11 -13.55 -8.68
C THR C 38 2.28 -12.54 -8.65
N TRP C 39 1.92 -11.25 -8.76
CA TRP C 39 2.75 -10.05 -8.76
C TRP C 39 4.22 -10.25 -8.37
N SER C 40 5.11 -9.92 -9.30
CA SER C 40 6.56 -9.97 -9.14
C SER C 40 6.99 -8.90 -8.13
N PRO C 41 8.16 -9.01 -7.49
CA PRO C 41 8.67 -8.00 -6.56
C PRO C 41 8.60 -6.59 -7.15
N LYS C 42 8.96 -6.45 -8.44
CA LYS C 42 8.93 -5.19 -9.15
C LYS C 42 7.51 -4.67 -9.32
N THR C 43 6.55 -5.58 -9.63
CA THR C 43 5.14 -5.21 -9.76
C THR C 43 4.63 -4.62 -8.45
N ILE C 44 4.94 -5.28 -7.33
CA ILE C 44 4.52 -4.83 -6.02
C ILE C 44 5.05 -3.44 -5.72
N GLN C 45 6.37 -3.28 -5.66
CA GLN C 45 7.06 -2.03 -5.35
C GLN C 45 6.47 -0.79 -6.04
N THR C 46 5.97 -0.96 -7.26
CA THR C 46 5.41 0.12 -8.06
C THR C 46 3.94 0.41 -7.73
N MET C 47 3.19 -0.60 -7.25
CA MET C 47 1.81 -0.41 -6.86
C MET C 47 1.77 0.76 -5.87
N LEU C 48 2.65 0.72 -4.87
CA LEU C 48 2.83 1.73 -3.84
C LEU C 48 3.15 3.11 -4.43
N LEU C 49 4.05 3.16 -5.42
CA LEU C 49 4.49 4.39 -6.08
C LEU C 49 3.37 5.36 -6.44
N ARG C 50 2.32 4.90 -7.14
CA ARG C 50 1.21 5.78 -7.52
C ARG C 50 0.40 6.19 -6.30
N LEU C 51 0.13 5.29 -5.34
CA LEU C 51 -0.53 5.63 -4.09
C LEU C 51 0.24 6.76 -3.39
N ILE C 52 1.57 6.80 -3.52
CA ILE C 52 2.40 7.85 -2.95
C ILE C 52 2.27 9.16 -3.74
N LYS C 53 1.98 9.07 -5.04
CA LYS C 53 1.80 10.23 -5.91
C LYS C 53 0.39 10.83 -5.74
N LYS C 54 -0.65 9.98 -5.73
CA LYS C 54 -2.04 10.36 -5.63
C LYS C 54 -2.51 10.51 -4.17
N GLY C 55 -1.76 9.96 -3.21
CA GLY C 55 -2.01 10.13 -1.79
C GLY C 55 -2.62 8.99 -0.96
N ALA C 56 -2.75 7.73 -1.42
CA ALA C 56 -3.27 6.73 -0.49
C ALA C 56 -2.24 6.47 0.63
N LEU C 57 -0.99 6.18 0.25
CA LEU C 57 0.13 5.87 1.15
C LEU C 57 1.23 6.93 1.04
N ASN C 58 2.17 6.93 2.00
CA ASN C 58 3.33 7.83 2.04
C ASN C 58 4.55 7.05 2.54
N HIS C 59 5.73 7.19 1.89
CA HIS C 59 6.94 6.50 2.33
C HIS C 59 7.81 7.37 3.25
N HIS C 60 8.52 6.69 4.17
CA HIS C 60 9.42 7.33 5.12
C HIS C 60 10.62 6.42 5.41
N LYS C 61 11.84 6.92 5.14
CA LYS C 61 13.10 6.23 5.37
C LYS C 61 13.45 6.45 6.83
N GLU C 62 13.05 5.45 7.64
CA GLU C 62 13.18 5.44 9.10
C GLU C 62 14.46 4.76 9.56
N GLY C 63 15.51 5.56 9.82
CA GLY C 63 16.81 5.12 10.33
C GLY C 63 17.45 4.00 9.52
N ARG C 64 17.06 2.75 9.82
CA ARG C 64 17.56 1.55 9.17
C ARG C 64 17.15 1.55 7.70
N VAL C 65 15.89 1.16 7.40
CA VAL C 65 15.29 1.10 6.12
C VAL C 65 13.90 1.71 6.35
N PHE C 66 13.15 1.90 5.27
CA PHE C 66 11.87 2.59 5.22
C PHE C 66 10.63 1.81 5.63
N VAL C 67 9.63 2.56 6.09
CA VAL C 67 8.31 2.11 6.41
C VAL C 67 7.26 2.94 5.65
N TYR C 68 6.21 2.26 5.16
CA TYR C 68 5.10 2.90 4.42
C TYR C 68 4.02 3.18 5.48
N THR C 69 3.67 4.47 5.59
CA THR C 69 2.71 5.02 6.52
C THR C 69 1.38 5.27 5.79
N PRO C 70 0.29 4.55 6.13
CA PRO C 70 -1.02 4.74 5.53
C PRO C 70 -1.49 6.18 5.72
N ASN C 71 -1.47 6.97 4.62
CA ASN C 71 -1.88 8.37 4.63
C ASN C 71 -3.40 8.53 4.77
N ILE C 72 -4.17 7.42 4.67
CA ILE C 72 -5.63 7.39 4.81
C ILE C 72 -6.01 6.64 6.09
N ASP C 73 -7.02 7.17 6.80
CA ASP C 73 -7.54 6.62 8.04
C ASP C 73 -9.05 6.84 8.06
N GLU C 74 -9.46 8.10 7.85
CA GLU C 74 -10.85 8.53 7.77
C GLU C 74 -11.59 7.78 6.66
N SER C 75 -10.91 7.55 5.54
CA SER C 75 -11.44 6.84 4.38
C SER C 75 -11.28 5.34 4.59
N ASP C 76 -10.04 4.84 4.51
CA ASP C 76 -9.68 3.43 4.65
C ASP C 76 -10.60 2.59 3.77
N TYR C 77 -10.67 2.98 2.48
CA TYR C 77 -11.50 2.42 1.42
C TYR C 77 -12.98 2.68 1.66
N ILE C 78 -13.61 3.39 0.71
CA ILE C 78 -15.02 3.73 0.71
C ILE C 78 -15.61 3.16 -0.59
N GLU C 79 -16.36 2.05 -0.48
CA GLU C 79 -16.99 1.40 -1.62
C GLU C 79 -18.23 2.20 -2.02
N VAL C 80 -18.11 3.03 -3.05
CA VAL C 80 -19.18 3.85 -3.57
C VAL C 80 -20.14 2.98 -4.39
N LYS C 81 -21.45 3.07 -4.10
CA LYS C 81 -22.50 2.31 -4.75
C LYS C 81 -23.86 2.87 -4.37
N SER C 82 -24.90 2.47 -5.13
CA SER C 82 -26.27 2.91 -4.90
C SER C 82 -27.23 1.93 -5.60
#